data_5XA6
#
_entry.id   5XA6
#
_entity_poly.entity_id   1
_entity_poly.type   'polypeptide(L)'
_entity_poly.pdbx_seq_one_letter_code
;GFGCPFNQGKCHRHCRSIRRRGGYCDGFLKQRCVCYRK
;
_entity_poly.pdbx_strand_id   A
#
# COMPACT_ATOMS: atom_id res chain seq x y z
N GLY A 1 -8.35 -2.89 -4.48
CA GLY A 1 -7.93 -4.28 -4.38
C GLY A 1 -7.32 -4.57 -3.01
N PHE A 2 -6.31 -5.44 -2.99
CA PHE A 2 -5.65 -5.80 -1.74
C PHE A 2 -5.69 -4.63 -0.76
N GLY A 3 -5.67 -3.42 -1.30
CA GLY A 3 -5.70 -2.23 -0.47
C GLY A 3 -6.37 -1.08 -1.22
N CYS A 4 -5.82 0.12 -1.06
CA CYS A 4 -6.36 1.30 -1.72
C CYS A 4 -7.01 0.90 -3.05
N PRO A 5 -7.95 1.69 -3.51
CA PRO A 5 -8.39 2.92 -2.81
C PRO A 5 -9.43 2.62 -1.72
N PHE A 6 -9.51 1.36 -1.32
CA PHE A 6 -10.46 0.96 -0.29
C PHE A 6 -9.80 0.92 1.08
N ASN A 7 -8.60 0.36 1.14
CA ASN A 7 -7.86 0.27 2.40
C ASN A 7 -6.40 0.64 2.20
N GLN A 8 -6.15 1.94 2.01
CA GLN A 8 -4.79 2.42 1.82
C GLN A 8 -3.90 2.05 3.00
N GLY A 9 -4.46 2.16 4.20
CA GLY A 9 -3.71 1.84 5.41
C GLY A 9 -3.12 0.44 5.34
N LYS A 10 -3.89 -0.51 4.83
CA LYS A 10 -3.41 -1.88 4.72
C LYS A 10 -2.11 -1.93 3.93
N CYS A 11 -1.96 -1.01 3.00
CA CYS A 11 -0.76 -0.95 2.17
C CYS A 11 0.08 0.28 2.55
N HIS A 12 -0.53 1.21 3.26
CA HIS A 12 0.19 2.41 3.67
C HIS A 12 0.66 2.28 5.11
N ARG A 13 0.09 1.33 5.84
CA ARG A 13 0.47 1.12 7.23
C ARG A 13 1.49 -0.02 7.31
N HIS A 14 1.33 -1.02 6.45
CA HIS A 14 2.24 -2.15 6.44
C HIS A 14 3.66 -1.68 6.12
N CYS A 15 3.78 -0.88 5.05
CA CYS A 15 5.09 -0.35 4.67
C CYS A 15 5.55 0.70 5.67
N ARG A 16 4.65 1.62 6.02
CA ARG A 16 4.98 2.66 6.97
C ARG A 16 5.78 2.08 8.14
N SER A 17 5.31 0.96 8.65
CA SER A 17 5.98 0.30 9.77
C SER A 17 7.44 0.05 9.42
N ILE A 18 7.69 -0.18 8.13
CA ILE A 18 9.06 -0.43 7.66
C ILE A 18 9.81 0.89 7.53
N ARG A 19 9.32 1.92 8.22
CA ARG A 19 9.96 3.22 8.17
C ARG A 19 9.63 3.93 6.86
N ARG A 20 8.80 3.29 6.04
CA ARG A 20 8.42 3.87 4.75
C ARG A 20 7.57 5.12 4.97
N ARG A 21 7.08 5.71 3.89
CA ARG A 21 6.27 6.92 4.00
C ARG A 21 5.59 7.25 2.67
N GLY A 22 4.55 6.50 2.35
CA GLY A 22 3.81 6.74 1.11
C GLY A 22 3.69 5.46 0.29
N GLY A 23 2.68 5.41 -0.57
CA GLY A 23 2.45 4.25 -1.42
C GLY A 23 1.18 4.40 -2.23
N TYR A 24 0.93 3.44 -3.12
CA TYR A 24 -0.25 3.48 -3.97
C TYR A 24 -0.54 2.10 -4.54
N CYS A 25 -1.70 1.55 -4.20
CA CYS A 25 -2.10 0.24 -4.69
C CYS A 25 -1.78 0.10 -6.17
N ASP A 26 -1.48 -1.13 -6.61
CA ASP A 26 -1.16 -1.37 -8.01
C ASP A 26 -1.95 -2.56 -8.54
N GLY A 27 -3.23 -2.33 -8.79
CA GLY A 27 -4.10 -3.39 -9.30
C GLY A 27 -5.55 -3.16 -8.87
N PHE A 28 -6.44 -3.96 -9.43
CA PHE A 28 -7.87 -3.84 -9.10
C PHE A 28 -8.27 -4.92 -8.10
N LEU A 29 -7.75 -6.12 -8.27
CA LEU A 29 -8.07 -7.22 -7.38
C LEU A 29 -6.98 -7.39 -6.32
N LYS A 30 -7.05 -8.48 -5.56
CA LYS A 30 -6.06 -8.75 -4.53
C LYS A 30 -4.70 -9.00 -5.16
N GLN A 31 -4.14 -7.96 -5.79
CA GLN A 31 -2.83 -8.09 -6.43
C GLN A 31 -1.72 -7.85 -5.42
N ARG A 32 -1.39 -6.58 -5.20
CA ARG A 32 -0.34 -6.22 -4.26
C ARG A 32 0.01 -4.74 -4.38
N CYS A 33 0.58 -4.18 -3.32
CA CYS A 33 0.97 -2.78 -3.33
C CYS A 33 2.49 -2.64 -3.30
N VAL A 34 2.98 -1.49 -3.75
CA VAL A 34 4.41 -1.24 -3.78
C VAL A 34 4.71 0.17 -3.27
N CYS A 35 4.75 0.33 -1.95
CA CYS A 35 5.02 1.63 -1.38
C CYS A 35 6.10 2.37 -2.18
N TYR A 36 5.87 3.67 -2.38
CA TYR A 36 6.81 4.49 -3.12
C TYR A 36 8.23 3.91 -3.07
N ARG A 37 8.88 4.04 -1.91
CA ARG A 37 10.23 3.53 -1.75
C ARG A 37 10.32 2.07 -2.19
N LYS A 38 11.32 1.78 -3.03
CA LYS A 38 11.51 0.42 -3.52
C LYS A 38 12.85 -0.13 -3.06
N GLY A 1 -8.20 -2.75 -4.85
CA GLY A 1 -7.58 -4.07 -4.91
C GLY A 1 -7.15 -4.54 -3.52
N PHE A 2 -6.17 -5.43 -3.48
CA PHE A 2 -5.67 -5.94 -2.22
C PHE A 2 -5.75 -4.87 -1.15
N GLY A 3 -5.45 -3.64 -1.54
CA GLY A 3 -5.49 -2.53 -0.60
C GLY A 3 -6.02 -1.26 -1.27
N CYS A 4 -5.43 -0.14 -0.92
CA CYS A 4 -5.84 1.14 -1.49
C CYS A 4 -6.38 0.95 -2.90
N PRO A 5 -7.29 1.79 -3.32
CA PRO A 5 -7.82 2.90 -2.49
C PRO A 5 -8.87 2.41 -1.50
N PHE A 6 -8.96 1.10 -1.33
CA PHE A 6 -9.92 0.52 -0.41
C PHE A 6 -9.39 0.58 1.02
N ASN A 7 -8.54 -0.38 1.38
CA ASN A 7 -7.98 -0.43 2.72
C ASN A 7 -6.55 0.10 2.73
N GLN A 8 -6.39 1.37 2.42
CA GLN A 8 -5.07 1.99 2.39
C GLN A 8 -4.28 1.62 3.65
N GLY A 9 -4.99 1.52 4.77
CA GLY A 9 -4.33 1.18 6.03
C GLY A 9 -3.57 -0.14 5.92
N LYS A 10 -4.17 -1.12 5.25
CA LYS A 10 -3.52 -2.41 5.09
C LYS A 10 -2.22 -2.24 4.31
N CYS A 11 -2.17 -1.19 3.51
CA CYS A 11 -0.98 -0.90 2.71
C CYS A 11 -0.24 0.30 3.27
N HIS A 12 -0.90 1.05 4.14
CA HIS A 12 -0.28 2.23 4.74
C HIS A 12 0.24 1.92 6.14
N ARG A 13 -0.49 1.08 6.87
CA ARG A 13 -0.10 0.72 8.23
C ARG A 13 1.08 -0.25 8.20
N HIS A 14 1.07 -1.16 7.22
CA HIS A 14 2.15 -2.14 7.09
C HIS A 14 3.47 -1.47 6.75
N CYS A 15 3.49 -0.72 5.65
CA CYS A 15 4.71 -0.05 5.24
C CYS A 15 5.06 1.09 6.20
N ARG A 16 4.05 1.85 6.61
CA ARG A 16 4.30 2.95 7.54
C ARG A 16 5.26 2.51 8.63
N SER A 17 5.06 1.29 9.13
CA SER A 17 5.93 0.76 10.17
C SER A 17 7.35 0.58 9.64
N ILE A 18 7.45 0.38 8.33
CA ILE A 18 8.75 0.20 7.69
C ILE A 18 9.37 1.55 7.37
N ARG A 19 9.33 2.46 8.35
CA ARG A 19 9.88 3.80 8.18
C ARG A 19 9.49 4.38 6.83
N ARG A 20 8.43 3.85 6.23
CA ARG A 20 7.97 4.32 4.93
C ARG A 20 6.96 5.46 5.10
N ARG A 21 7.03 6.42 4.19
CA ARG A 21 6.12 7.57 4.25
C ARG A 21 5.05 7.48 3.16
N GLY A 22 5.35 8.05 2.00
CA GLY A 22 4.41 8.05 0.89
C GLY A 22 4.26 6.65 0.30
N GLY A 23 3.09 6.37 -0.27
CA GLY A 23 2.84 5.06 -0.86
C GLY A 23 1.44 4.99 -1.49
N TYR A 24 1.13 3.84 -2.09
CA TYR A 24 -0.16 3.65 -2.72
C TYR A 24 -0.21 2.33 -3.48
N CYS A 25 -1.41 1.76 -3.59
CA CYS A 25 -1.58 0.49 -4.27
C CYS A 25 -1.16 0.62 -5.74
N ASP A 26 -1.10 -0.52 -6.43
CA ASP A 26 -0.71 -0.51 -7.84
C ASP A 26 -1.41 -1.65 -8.59
N GLY A 27 -2.48 -1.30 -9.30
CA GLY A 27 -3.23 -2.29 -10.06
C GLY A 27 -4.73 -2.01 -10.00
N PHE A 28 -5.52 -3.06 -9.97
CA PHE A 28 -6.98 -2.91 -9.91
C PHE A 28 -7.59 -3.96 -9.00
N LEU A 29 -7.06 -5.17 -9.06
CA LEU A 29 -7.57 -6.27 -8.22
C LEU A 29 -6.56 -6.62 -7.13
N LYS A 30 -6.73 -7.80 -6.54
CA LYS A 30 -5.83 -8.25 -5.49
C LYS A 30 -4.42 -8.48 -6.04
N GLN A 31 -3.72 -7.39 -6.33
CA GLN A 31 -2.37 -7.48 -6.86
C GLN A 31 -1.35 -7.38 -5.72
N ARG A 32 -0.95 -6.16 -5.40
CA ARG A 32 0.01 -5.93 -4.32
C ARG A 32 0.29 -4.44 -4.18
N CYS A 33 0.76 -4.05 -3.00
CA CYS A 33 1.07 -2.64 -2.75
C CYS A 33 2.56 -2.39 -2.85
N VAL A 34 2.94 -1.17 -3.20
CA VAL A 34 4.34 -0.81 -3.32
C VAL A 34 4.58 0.59 -2.80
N CYS A 35 4.52 0.74 -1.47
CA CYS A 35 4.72 2.04 -0.86
C CYS A 35 5.94 2.73 -1.44
N TYR A 36 5.68 3.71 -2.31
CA TYR A 36 6.74 4.48 -2.96
C TYR A 36 8.09 3.75 -2.84
N ARG A 37 8.71 3.84 -1.68
CA ARG A 37 10.00 3.19 -1.46
C ARG A 37 9.89 1.69 -1.65
N LYS A 38 10.97 1.07 -2.12
CA LYS A 38 10.96 -0.38 -2.32
C LYS A 38 11.45 -1.10 -1.07
N GLY A 1 -8.44 -3.55 -4.61
CA GLY A 1 -7.46 -4.63 -4.72
C GLY A 1 -6.91 -5.02 -3.35
N PHE A 2 -5.67 -5.47 -3.31
CA PHE A 2 -5.05 -5.88 -2.07
C PHE A 2 -5.23 -4.79 -1.01
N GLY A 3 -5.23 -3.54 -1.46
CA GLY A 3 -5.39 -2.41 -0.55
C GLY A 3 -6.09 -1.26 -1.25
N CYS A 4 -5.54 -0.06 -1.08
CA CYS A 4 -6.11 1.13 -1.70
C CYS A 4 -6.83 0.77 -2.99
N PRO A 5 -7.82 1.54 -3.37
CA PRO A 5 -8.26 2.74 -2.60
C PRO A 5 -9.21 2.38 -1.46
N PHE A 6 -9.29 1.09 -1.15
CA PHE A 6 -10.17 0.63 -0.09
C PHE A 6 -9.50 0.76 1.28
N ASN A 7 -8.52 -0.10 1.54
CA ASN A 7 -7.81 -0.05 2.81
C ASN A 7 -6.37 0.43 2.62
N GLN A 8 -6.22 1.73 2.43
CA GLN A 8 -4.89 2.31 2.23
C GLN A 8 -4.07 2.18 3.52
N GLY A 9 -4.66 2.57 4.64
CA GLY A 9 -3.97 2.50 5.92
C GLY A 9 -3.33 1.13 6.11
N LYS A 10 -4.04 0.08 5.69
CA LYS A 10 -3.51 -1.27 5.81
C LYS A 10 -2.24 -1.40 4.95
N CYS A 11 -2.16 -0.56 3.93
CA CYS A 11 -1.01 -0.57 3.05
C CYS A 11 -0.09 0.60 3.38
N HIS A 12 -0.64 1.59 4.06
CA HIS A 12 0.14 2.77 4.44
C HIS A 12 0.78 2.56 5.81
N ARG A 13 -0.02 2.06 6.76
CA ARG A 13 0.49 1.81 8.11
C ARG A 13 1.49 0.67 8.11
N HIS A 14 1.30 -0.27 7.19
CA HIS A 14 2.20 -1.42 7.09
C HIS A 14 3.59 -0.97 6.69
N CYS A 15 3.71 -0.37 5.51
CA CYS A 15 5.01 0.10 5.05
C CYS A 15 5.50 1.26 5.90
N ARG A 16 4.61 2.20 6.19
CA ARG A 16 4.98 3.34 7.02
C ARG A 16 5.81 2.87 8.20
N SER A 17 5.43 1.71 8.76
CA SER A 17 6.15 1.15 9.89
C SER A 17 7.61 0.96 9.51
N ILE A 18 7.85 0.54 8.28
CA ILE A 18 9.21 0.32 7.79
C ILE A 18 9.86 1.66 7.44
N ARG A 19 9.47 2.71 8.16
CA ARG A 19 10.01 4.04 7.92
C ARG A 19 9.45 4.63 6.63
N ARG A 20 9.00 3.76 5.73
CA ARG A 20 8.44 4.21 4.46
C ARG A 20 7.50 5.39 4.67
N ARG A 21 7.31 6.19 3.62
CA ARG A 21 6.43 7.35 3.72
C ARG A 21 5.77 7.66 2.38
N GLY A 22 4.92 6.75 1.93
CA GLY A 22 4.23 6.93 0.65
C GLY A 22 3.85 5.58 0.03
N GLY A 23 2.98 5.63 -0.98
CA GLY A 23 2.55 4.41 -1.63
C GLY A 23 1.35 4.65 -2.54
N TYR A 24 0.89 3.60 -3.20
CA TYR A 24 -0.25 3.71 -4.09
C TYR A 24 -0.58 2.34 -4.70
N CYS A 25 -1.49 1.61 -4.06
CA CYS A 25 -1.88 0.29 -4.53
C CYS A 25 -1.80 0.22 -6.05
N ASP A 26 -1.51 -0.97 -6.56
CA ASP A 26 -1.41 -1.18 -8.00
C ASP A 26 -2.75 -1.62 -8.57
N GLY A 27 -2.70 -2.48 -9.58
CA GLY A 27 -3.92 -2.97 -10.21
C GLY A 27 -5.09 -2.95 -9.23
N PHE A 28 -6.29 -2.71 -9.76
CA PHE A 28 -7.48 -2.66 -8.92
C PHE A 28 -7.73 -4.02 -8.25
N LEU A 29 -7.39 -5.09 -8.97
CA LEU A 29 -7.59 -6.43 -8.43
C LEU A 29 -6.66 -6.68 -7.24
N LYS A 30 -6.96 -7.72 -6.47
CA LYS A 30 -6.16 -8.06 -5.31
C LYS A 30 -4.72 -8.33 -5.72
N GLN A 31 -4.02 -7.28 -6.14
CA GLN A 31 -2.63 -7.42 -6.56
C GLN A 31 -1.70 -7.35 -5.35
N ARG A 32 -1.36 -6.13 -4.95
CA ARG A 32 -0.48 -5.94 -3.80
C ARG A 32 -0.19 -4.45 -3.60
N CYS A 33 0.59 -4.15 -2.57
CA CYS A 33 0.95 -2.77 -2.27
C CYS A 33 2.46 -2.60 -2.32
N VAL A 34 2.91 -1.57 -3.04
CA VAL A 34 4.35 -1.32 -3.16
C VAL A 34 4.68 0.11 -2.77
N CYS A 35 4.58 0.40 -1.49
CA CYS A 35 4.87 1.74 -0.99
C CYS A 35 5.92 2.42 -1.86
N TYR A 36 5.83 3.75 -1.97
CA TYR A 36 6.77 4.51 -2.78
C TYR A 36 8.17 3.89 -2.68
N ARG A 37 8.79 4.04 -1.51
CA ARG A 37 10.12 3.47 -1.30
C ARG A 37 10.02 2.03 -0.83
N LYS A 38 10.84 1.17 -1.42
CA LYS A 38 10.82 -0.25 -1.06
C LYS A 38 11.05 -0.41 0.44
N GLY A 1 -5.03 -1.97 -6.07
CA GLY A 1 -5.36 -3.35 -5.74
C GLY A 1 -4.74 -3.75 -4.41
N PHE A 2 -5.33 -4.75 -3.76
CA PHE A 2 -4.82 -5.24 -2.48
C PHE A 2 -4.93 -4.15 -1.41
N GLY A 3 -4.84 -2.90 -1.83
CA GLY A 3 -4.92 -1.80 -0.89
C GLY A 3 -5.78 -0.66 -1.45
N CYS A 4 -5.37 0.56 -1.18
CA CYS A 4 -6.10 1.73 -1.65
C CYS A 4 -6.73 1.48 -3.02
N PRO A 5 -7.70 2.26 -3.37
CA PRO A 5 -8.21 3.37 -2.51
C PRO A 5 -9.13 2.84 -1.41
N PHE A 6 -9.10 1.53 -1.21
CA PHE A 6 -9.94 0.90 -0.19
C PHE A 6 -9.16 0.73 1.10
N ASN A 7 -8.31 -0.31 1.14
CA ASN A 7 -7.50 -0.57 2.33
C ASN A 7 -6.11 0.03 2.17
N GLN A 8 -6.02 1.35 2.27
CA GLN A 8 -4.74 2.04 2.14
C GLN A 8 -3.84 1.73 3.32
N GLY A 9 -4.43 1.61 4.51
CA GLY A 9 -3.66 1.33 5.72
C GLY A 9 -2.89 0.02 5.59
N LYS A 10 -3.57 -1.03 5.12
CA LYS A 10 -2.91 -2.32 4.99
C LYS A 10 -1.59 -2.18 4.25
N CYS A 11 -1.50 -1.19 3.38
CA CYS A 11 -0.28 -0.96 2.63
C CYS A 11 0.40 0.34 3.08
N HIS A 12 -0.36 1.21 3.73
CA HIS A 12 0.20 2.47 4.21
C HIS A 12 0.45 2.42 5.71
N ARG A 13 0.03 1.32 6.35
CA ARG A 13 0.23 1.17 7.79
C ARG A 13 1.40 0.25 8.07
N HIS A 14 1.50 -0.84 7.32
CA HIS A 14 2.59 -1.79 7.50
C HIS A 14 3.90 -1.17 7.06
N CYS A 15 3.87 -0.45 5.94
CA CYS A 15 5.07 0.21 5.43
C CYS A 15 5.43 1.40 6.33
N ARG A 16 4.41 2.17 6.69
CA ARG A 16 4.63 3.33 7.55
C ARG A 16 5.60 2.99 8.68
N SER A 17 5.43 1.80 9.25
CA SER A 17 6.30 1.35 10.34
C SER A 17 7.75 1.28 9.87
N ILE A 18 7.95 0.86 8.62
CA ILE A 18 9.30 0.75 8.07
C ILE A 18 9.85 2.13 7.74
N ARG A 19 9.40 3.13 8.48
CA ARG A 19 9.86 4.51 8.27
C ARG A 19 9.36 5.05 6.93
N ARG A 20 8.53 4.26 6.25
CA ARG A 20 7.99 4.69 4.95
C ARG A 20 6.93 5.78 5.16
N ARG A 21 6.50 6.39 4.06
CA ARG A 21 5.49 7.45 4.15
C ARG A 21 4.32 7.17 3.21
N GLY A 22 4.40 7.69 2.00
CA GLY A 22 3.35 7.50 1.01
C GLY A 22 3.53 6.17 0.28
N GLY A 23 2.64 5.89 -0.66
CA GLY A 23 2.72 4.66 -1.42
C GLY A 23 1.72 4.63 -2.56
N TYR A 24 1.74 3.55 -3.35
CA TYR A 24 0.83 3.40 -4.47
C TYR A 24 -0.09 2.21 -4.26
N CYS A 25 -0.93 1.93 -5.25
CA CYS A 25 -1.86 0.82 -5.15
C CYS A 25 -2.28 0.34 -6.54
N ASP A 26 -2.16 -0.97 -6.76
CA ASP A 26 -2.52 -1.54 -8.06
C ASP A 26 -3.95 -1.18 -8.44
N GLY A 27 -4.50 -1.89 -9.41
CA GLY A 27 -5.86 -1.64 -9.87
C GLY A 27 -6.88 -2.16 -8.86
N PHE A 28 -8.09 -2.41 -9.34
CA PHE A 28 -9.16 -2.91 -8.47
C PHE A 28 -8.83 -4.32 -7.99
N LEU A 29 -8.41 -5.17 -8.92
CA LEU A 29 -8.08 -6.55 -8.57
C LEU A 29 -6.98 -6.60 -7.52
N LYS A 30 -7.09 -7.54 -6.59
CA LYS A 30 -6.09 -7.67 -5.54
C LYS A 30 -4.77 -8.13 -6.13
N GLN A 31 -4.12 -7.24 -6.89
CA GLN A 31 -2.85 -7.56 -7.53
C GLN A 31 -1.70 -7.46 -6.53
N ARG A 32 -1.29 -6.24 -6.22
CA ARG A 32 -0.21 -6.02 -5.27
C ARG A 32 0.00 -4.53 -5.01
N CYS A 33 0.56 -4.22 -3.84
CA CYS A 33 0.81 -2.84 -3.48
C CYS A 33 2.26 -2.65 -3.08
N VAL A 34 2.84 -1.53 -3.48
CA VAL A 34 4.24 -1.24 -3.16
C VAL A 34 4.38 0.20 -2.70
N CYS A 35 4.72 0.39 -1.43
CA CYS A 35 4.88 1.73 -0.88
C CYS A 35 6.09 2.43 -1.48
N TYR A 36 5.83 3.34 -2.40
CA TYR A 36 6.87 4.11 -3.08
C TYR A 36 8.25 3.51 -2.84
N ARG A 37 8.80 3.76 -1.65
CA ARG A 37 10.12 3.24 -1.31
C ARG A 37 10.21 1.74 -1.60
N LYS A 38 10.88 1.39 -2.70
CA LYS A 38 11.02 -0.01 -3.08
C LYS A 38 12.32 -0.59 -2.53
N GLY A 1 -4.65 -3.60 -6.22
CA GLY A 1 -5.58 -4.23 -5.30
C GLY A 1 -4.90 -4.60 -3.98
N PHE A 2 -5.56 -5.45 -3.20
CA PHE A 2 -5.01 -5.88 -1.92
C PHE A 2 -4.93 -4.73 -0.93
N GLY A 3 -4.84 -3.52 -1.47
CA GLY A 3 -4.76 -2.34 -0.62
C GLY A 3 -5.49 -1.17 -1.25
N CYS A 4 -4.93 0.03 -1.08
CA CYS A 4 -5.53 1.23 -1.63
C CYS A 4 -6.27 0.91 -2.93
N PRO A 5 -7.31 1.65 -3.23
CA PRO A 5 -7.81 2.76 -2.37
C PRO A 5 -8.69 2.24 -1.24
N PHE A 6 -8.97 0.94 -1.27
CA PHE A 6 -9.80 0.32 -0.25
C PHE A 6 -9.28 0.63 1.15
N ASN A 7 -8.40 -0.23 1.65
CA ASN A 7 -7.83 -0.05 2.98
C ASN A 7 -6.43 0.52 2.91
N GLN A 8 -6.28 1.66 2.24
CA GLN A 8 -4.97 2.29 2.10
C GLN A 8 -4.15 2.08 3.37
N GLY A 9 -4.83 1.99 4.51
CA GLY A 9 -4.16 1.79 5.78
C GLY A 9 -3.42 0.46 5.82
N LYS A 10 -4.10 -0.61 5.41
CA LYS A 10 -3.48 -1.93 5.42
C LYS A 10 -2.12 -1.87 4.73
N CYS A 11 -1.96 -0.90 3.85
CA CYS A 11 -0.69 -0.74 3.14
C CYS A 11 0.00 0.55 3.57
N HIS A 12 -0.77 1.51 4.08
CA HIS A 12 -0.19 2.77 4.53
C HIS A 12 0.00 2.77 6.04
N ARG A 13 -0.49 1.73 6.69
CA ARG A 13 -0.34 1.62 8.15
C ARG A 13 0.80 0.68 8.48
N HIS A 14 0.91 -0.40 7.72
CA HIS A 14 1.98 -1.38 7.93
C HIS A 14 3.33 -0.79 7.53
N CYS A 15 3.32 -0.02 6.44
CA CYS A 15 4.55 0.61 5.96
C CYS A 15 4.88 1.84 6.80
N ARG A 16 3.84 2.60 7.16
CA ARG A 16 4.03 3.80 7.95
C ARG A 16 4.97 3.51 9.13
N SER A 17 4.97 2.26 9.58
CA SER A 17 5.82 1.86 10.69
C SER A 17 7.24 1.57 10.18
N ILE A 18 7.33 1.21 8.91
CA ILE A 18 8.62 0.90 8.30
C ILE A 18 9.30 2.18 7.84
N ARG A 19 9.37 3.15 8.74
CA ARG A 19 9.99 4.44 8.42
C ARG A 19 9.54 4.96 7.07
N ARG A 20 8.53 4.29 6.49
CA ARG A 20 8.02 4.70 5.19
C ARG A 20 7.11 5.92 5.33
N ARG A 21 6.92 6.64 4.24
CA ARG A 21 6.07 7.84 4.28
C ARG A 21 4.73 7.55 3.60
N GLY A 22 4.67 7.78 2.29
CA GLY A 22 3.44 7.55 1.55
C GLY A 22 3.47 6.18 0.87
N GLY A 23 2.56 5.98 -0.08
CA GLY A 23 2.49 4.71 -0.79
C GLY A 23 1.33 4.70 -1.78
N TYR A 24 1.18 3.60 -2.51
CA TYR A 24 0.09 3.50 -3.48
C TYR A 24 -0.11 2.05 -3.90
N CYS A 25 -1.24 1.78 -4.54
CA CYS A 25 -1.55 0.43 -4.99
C CYS A 25 -1.29 0.27 -6.48
N ASP A 26 -1.08 -0.96 -6.92
CA ASP A 26 -0.84 -1.25 -8.31
C ASP A 26 -1.63 -2.48 -8.76
N GLY A 27 -2.72 -2.24 -9.48
CA GLY A 27 -3.56 -3.33 -9.94
C GLY A 27 -5.03 -3.00 -9.74
N PHE A 28 -5.83 -4.01 -9.41
CA PHE A 28 -7.26 -3.81 -9.20
C PHE A 28 -7.86 -4.99 -8.44
N LEU A 29 -7.44 -6.18 -8.81
CA LEU A 29 -7.94 -7.39 -8.16
C LEU A 29 -6.88 -8.01 -7.27
N LYS A 30 -6.89 -7.63 -5.98
CA LYS A 30 -5.91 -8.16 -5.04
C LYS A 30 -4.62 -8.52 -5.76
N GLN A 31 -3.91 -7.51 -6.26
CA GLN A 31 -2.67 -7.74 -6.97
C GLN A 31 -1.49 -7.65 -6.02
N ARG A 32 -1.00 -6.44 -5.76
CA ARG A 32 0.13 -6.25 -4.86
C ARG A 32 0.34 -4.77 -4.56
N CYS A 33 0.55 -4.47 -3.29
CA CYS A 33 0.79 -3.09 -2.85
C CYS A 33 2.27 -2.89 -2.55
N VAL A 34 2.74 -1.66 -2.72
CA VAL A 34 4.14 -1.37 -2.46
C VAL A 34 4.32 0.11 -2.14
N CYS A 35 4.42 0.40 -0.85
CA CYS A 35 4.59 1.79 -0.41
C CYS A 35 5.80 2.43 -1.05
N TYR A 36 5.54 3.37 -1.98
CA TYR A 36 6.60 4.07 -2.68
C TYR A 36 7.94 3.36 -2.53
N ARG A 37 8.58 3.55 -1.38
CA ARG A 37 9.87 2.91 -1.13
C ARG A 37 9.76 1.39 -1.26
N LYS A 38 10.40 0.84 -2.27
CA LYS A 38 10.36 -0.61 -2.50
C LYS A 38 11.16 -1.33 -1.42
N GLY A 1 -7.24 -2.76 -5.73
CA GLY A 1 -7.36 -4.14 -5.27
C GLY A 1 -6.41 -4.41 -4.11
N PHE A 2 -6.65 -5.50 -3.38
CA PHE A 2 -5.81 -5.86 -2.25
C PHE A 2 -5.81 -4.76 -1.20
N GLY A 3 -5.23 -3.62 -1.55
CA GLY A 3 -5.17 -2.49 -0.64
C GLY A 3 -5.82 -1.26 -1.25
N CYS A 4 -5.23 -0.10 -0.98
CA CYS A 4 -5.76 1.15 -1.52
C CYS A 4 -6.43 0.91 -2.87
N PRO A 5 -7.41 1.71 -3.22
CA PRO A 5 -7.90 2.81 -2.35
C PRO A 5 -8.88 2.32 -1.29
N PHE A 6 -8.99 1.00 -1.17
CA PHE A 6 -9.90 0.40 -0.20
C PHE A 6 -9.20 0.23 1.15
N ASN A 7 -8.29 -0.73 1.22
CA ASN A 7 -7.57 -0.99 2.46
C ASN A 7 -6.17 -0.37 2.41
N GLN A 8 -6.12 0.97 2.36
CA GLN A 8 -4.85 1.68 2.31
C GLN A 8 -4.02 1.36 3.54
N GLY A 9 -4.70 1.16 4.67
CA GLY A 9 -4.02 0.87 5.92
C GLY A 9 -3.16 -0.39 5.78
N LYS A 10 -3.71 -1.42 5.16
CA LYS A 10 -2.98 -2.67 4.99
C LYS A 10 -1.67 -2.41 4.24
N CYS A 11 -1.65 -1.37 3.43
CA CYS A 11 -0.46 -1.02 2.68
C CYS A 11 0.17 0.27 3.20
N HIS A 12 -0.58 0.99 4.03
CA HIS A 12 -0.07 2.24 4.59
C HIS A 12 0.39 2.06 6.03
N ARG A 13 -0.19 1.08 6.72
CA ARG A 13 0.19 0.84 8.12
C ARG A 13 1.39 -0.10 8.19
N HIS A 14 1.44 -1.07 7.28
CA HIS A 14 2.53 -2.03 7.26
C HIS A 14 3.85 -1.35 6.95
N CYS A 15 3.90 -0.57 5.88
CA CYS A 15 5.13 0.11 5.52
C CYS A 15 5.39 1.30 6.42
N ARG A 16 4.34 2.05 6.74
CA ARG A 16 4.51 3.21 7.61
C ARG A 16 5.36 2.82 8.81
N SER A 17 5.28 1.55 9.19
CA SER A 17 6.06 1.05 10.31
C SER A 17 7.53 0.99 9.93
N ILE A 18 7.79 0.66 8.66
CA ILE A 18 9.16 0.58 8.17
C ILE A 18 9.69 1.98 7.84
N ARG A 19 9.49 2.91 8.77
CA ARG A 19 9.96 4.28 8.57
C ARG A 19 9.66 4.77 7.16
N ARG A 20 8.69 4.14 6.50
CA ARG A 20 8.32 4.53 5.16
C ARG A 20 7.38 5.73 5.19
N ARG A 21 7.28 6.44 4.07
CA ARG A 21 6.42 7.62 3.99
C ARG A 21 5.83 7.81 2.60
N GLY A 22 5.01 6.85 2.18
CA GLY A 22 4.39 6.94 0.85
C GLY A 22 4.01 5.56 0.32
N GLY A 23 3.19 5.55 -0.72
CA GLY A 23 2.75 4.30 -1.32
C GLY A 23 1.61 4.52 -2.32
N TYR A 24 1.18 3.45 -2.96
CA TYR A 24 0.09 3.53 -3.93
C TYR A 24 -0.22 2.15 -4.50
N CYS A 25 -1.49 1.77 -4.44
CA CYS A 25 -1.93 0.48 -4.95
C CYS A 25 -1.83 0.42 -6.46
N ASP A 26 -1.53 -0.76 -7.01
CA ASP A 26 -1.40 -0.93 -8.45
C ASP A 26 -2.42 -1.96 -8.94
N GLY A 27 -3.43 -1.48 -9.67
CA GLY A 27 -4.45 -2.37 -10.20
C GLY A 27 -5.81 -2.04 -9.58
N PHE A 28 -6.78 -2.92 -9.82
CA PHE A 28 -8.12 -2.72 -9.28
C PHE A 28 -8.59 -3.96 -8.52
N LEU A 29 -8.01 -5.11 -8.84
CA LEU A 29 -8.38 -6.35 -8.19
C LEU A 29 -7.22 -6.89 -7.36
N LYS A 30 -7.54 -7.55 -6.26
CA LYS A 30 -6.54 -8.13 -5.38
C LYS A 30 -5.23 -8.39 -6.13
N GLN A 31 -4.39 -7.37 -6.21
CA GLN A 31 -3.11 -7.51 -6.90
C GLN A 31 -1.96 -7.50 -5.90
N ARG A 32 -1.48 -6.30 -5.56
CA ARG A 32 -0.39 -6.17 -4.62
C ARG A 32 0.00 -4.69 -4.45
N CYS A 33 0.31 -4.30 -3.22
CA CYS A 33 0.68 -2.92 -2.94
C CYS A 33 2.10 -2.86 -2.41
N VAL A 34 2.82 -1.79 -2.75
CA VAL A 34 4.19 -1.62 -2.30
C VAL A 34 4.51 -0.14 -2.07
N CYS A 35 4.64 0.24 -0.80
CA CYS A 35 4.94 1.62 -0.46
C CYS A 35 5.95 2.22 -1.43
N TYR A 36 5.97 3.54 -1.51
CA TYR A 36 6.88 4.23 -2.40
C TYR A 36 8.27 3.61 -2.30
N ARG A 37 9.01 3.97 -1.26
CA ARG A 37 10.35 3.43 -1.06
C ARG A 37 10.32 1.91 -1.04
N LYS A 38 11.45 1.29 -1.37
CA LYS A 38 11.53 -0.16 -1.38
C LYS A 38 12.25 -0.66 -0.13
N GLY A 1 -5.61 -2.85 -6.56
CA GLY A 1 -6.10 -4.00 -5.80
C GLY A 1 -5.49 -4.04 -4.41
N PHE A 2 -5.61 -5.19 -3.75
CA PHE A 2 -5.07 -5.34 -2.41
C PHE A 2 -5.90 -4.52 -1.41
N GLY A 3 -5.88 -3.21 -1.59
CA GLY A 3 -6.64 -2.32 -0.72
C GLY A 3 -6.81 -0.96 -1.38
N CYS A 4 -6.81 0.09 -0.56
CA CYS A 4 -6.98 1.44 -1.08
C CYS A 4 -8.24 1.53 -1.93
N PRO A 5 -8.87 2.68 -1.96
CA PRO A 5 -8.41 3.90 -1.26
C PRO A 5 -8.78 3.91 0.22
N PHE A 6 -9.94 3.36 0.55
CA PHE A 6 -10.39 3.31 1.94
C PHE A 6 -9.41 2.55 2.80
N ASN A 7 -9.32 1.24 2.58
CA ASN A 7 -8.42 0.40 3.35
C ASN A 7 -6.99 0.53 2.85
N GLN A 8 -6.56 1.77 2.65
CA GLN A 8 -5.20 2.02 2.17
C GLN A 8 -4.21 1.87 3.32
N GLY A 9 -4.66 2.17 4.53
CA GLY A 9 -3.81 2.06 5.70
C GLY A 9 -3.13 0.71 5.76
N LYS A 10 -3.87 -0.33 5.43
CA LYS A 10 -3.33 -1.68 5.44
C LYS A 10 -2.08 -1.74 4.57
N CYS A 11 -2.03 -0.85 3.58
CA CYS A 11 -0.89 -0.80 2.66
C CYS A 11 -0.09 0.47 2.90
N HIS A 12 -0.72 1.48 3.49
CA HIS A 12 -0.04 2.74 3.75
C HIS A 12 0.47 2.80 5.18
N ARG A 13 0.00 1.90 6.03
CA ARG A 13 0.45 1.87 7.42
C ARG A 13 1.39 0.69 7.64
N HIS A 14 1.25 -0.32 6.79
CA HIS A 14 2.10 -1.50 6.89
C HIS A 14 3.52 -1.17 6.46
N CYS A 15 3.64 -0.43 5.36
CA CYS A 15 4.96 -0.05 4.85
C CYS A 15 5.47 1.17 5.61
N ARG A 16 4.61 1.73 6.46
CA ARG A 16 4.97 2.90 7.25
C ARG A 16 5.80 2.50 8.46
N SER A 17 5.54 1.30 8.98
CA SER A 17 6.28 0.82 10.15
C SER A 17 7.67 0.35 9.76
N ILE A 18 7.84 -0.07 8.51
CA ILE A 18 9.13 -0.54 8.03
C ILE A 18 9.89 0.58 7.33
N ARG A 19 9.98 1.74 7.99
CA ARG A 19 10.69 2.88 7.42
C ARG A 19 9.86 3.52 6.30
N ARG A 20 9.52 2.72 5.29
CA ARG A 20 8.74 3.21 4.16
C ARG A 20 7.68 4.20 4.64
N ARG A 21 7.06 4.89 3.69
CA ARG A 21 6.03 5.88 4.03
C ARG A 21 5.36 6.40 2.76
N GLY A 22 4.47 5.61 2.20
CA GLY A 22 3.77 5.99 0.98
C GLY A 22 3.25 4.77 0.25
N GLY A 23 2.53 5.00 -0.85
CA GLY A 23 1.98 3.89 -1.63
C GLY A 23 0.70 4.29 -2.34
N TYR A 24 0.09 3.34 -3.04
CA TYR A 24 -1.14 3.58 -3.77
C TYR A 24 -1.57 2.31 -4.51
N CYS A 25 -1.61 1.22 -3.77
CA CYS A 25 -1.99 -0.07 -4.35
C CYS A 25 -1.27 -0.28 -5.68
N ASP A 26 -1.47 -1.45 -6.29
CA ASP A 26 -0.82 -1.75 -7.56
C ASP A 26 -1.51 -2.92 -8.24
N GLY A 27 -2.23 -2.63 -9.33
CA GLY A 27 -2.93 -3.67 -10.07
C GLY A 27 -4.43 -3.62 -9.79
N PHE A 28 -5.22 -3.91 -10.81
CA PHE A 28 -6.67 -3.89 -10.67
C PHE A 28 -7.12 -5.00 -9.72
N LEU A 29 -6.35 -6.08 -9.67
CA LEU A 29 -6.67 -7.20 -8.81
C LEU A 29 -5.73 -7.23 -7.61
N LYS A 30 -6.01 -8.12 -6.66
CA LYS A 30 -5.18 -8.25 -5.47
C LYS A 30 -3.77 -8.68 -5.83
N GLN A 31 -2.96 -7.73 -6.28
CA GLN A 31 -1.57 -8.02 -6.65
C GLN A 31 -0.66 -7.84 -5.45
N ARG A 32 -0.27 -6.60 -5.19
CA ARG A 32 0.61 -6.29 -4.07
C ARG A 32 0.82 -4.79 -3.95
N CYS A 33 0.63 -4.28 -2.73
CA CYS A 33 0.80 -2.86 -2.49
C CYS A 33 2.27 -2.47 -2.57
N VAL A 34 2.57 -1.47 -3.39
CA VAL A 34 3.95 -1.02 -3.56
C VAL A 34 4.14 0.38 -2.97
N CYS A 35 4.54 0.43 -1.71
CA CYS A 35 4.75 1.71 -1.04
C CYS A 35 5.72 2.59 -1.83
N TYR A 36 5.32 3.83 -2.04
CA TYR A 36 6.14 4.79 -2.79
C TYR A 36 7.60 4.34 -2.86
N ARG A 37 8.22 4.15 -1.70
CA ARG A 37 9.62 3.72 -1.66
C ARG A 37 9.71 2.21 -1.47
N LYS A 38 10.02 1.50 -2.55
CA LYS A 38 10.15 0.05 -2.48
C LYS A 38 11.60 -0.37 -2.68
N GLY A 1 -4.24 -2.94 -6.07
CA GLY A 1 -3.96 -4.32 -5.72
C GLY A 1 -4.21 -4.57 -4.24
N PHE A 2 -3.44 -5.49 -3.66
CA PHE A 2 -3.57 -5.83 -2.24
C PHE A 2 -4.81 -5.20 -1.62
N GLY A 3 -4.76 -3.90 -1.41
CA GLY A 3 -5.89 -3.19 -0.81
C GLY A 3 -6.17 -1.88 -1.54
N CYS A 4 -6.51 -0.86 -0.78
CA CYS A 4 -6.82 0.45 -1.34
C CYS A 4 -7.85 0.34 -2.46
N PRO A 5 -8.62 1.38 -2.66
CA PRO A 5 -8.56 2.63 -1.85
C PRO A 5 -9.28 2.47 -0.52
N PHE A 6 -10.30 1.61 -0.52
CA PHE A 6 -11.08 1.36 0.68
C PHE A 6 -10.17 1.14 1.89
N ASN A 7 -9.32 0.11 1.79
CA ASN A 7 -8.41 -0.20 2.89
C ASN A 7 -6.98 0.20 2.51
N GLN A 8 -6.82 1.46 2.12
CA GLN A 8 -5.50 1.98 1.75
C GLN A 8 -4.54 1.88 2.91
N GLY A 9 -5.04 2.08 4.12
CA GLY A 9 -4.20 2.00 5.31
C GLY A 9 -3.52 0.65 5.43
N LYS A 10 -4.25 -0.42 5.12
CA LYS A 10 -3.68 -1.76 5.21
C LYS A 10 -2.33 -1.79 4.49
N CYS A 11 -2.23 -1.01 3.42
CA CYS A 11 -0.99 -0.97 2.64
C CYS A 11 -0.26 0.35 2.90
N HIS A 12 -1.00 1.36 3.32
CA HIS A 12 -0.39 2.66 3.60
C HIS A 12 0.00 2.77 5.06
N ARG A 13 -0.45 1.80 5.87
CA ARG A 13 -0.13 1.80 7.29
C ARG A 13 0.93 0.75 7.59
N HIS A 14 0.90 -0.35 6.85
CA HIS A 14 1.86 -1.43 7.05
C HIS A 14 3.27 -0.96 6.68
N CYS A 15 3.38 -0.26 5.55
CA CYS A 15 4.68 0.22 5.12
C CYS A 15 5.06 1.46 5.91
N ARG A 16 4.11 2.37 6.07
CA ARG A 16 4.37 3.58 6.84
C ARG A 16 5.17 3.25 8.09
N SER A 17 5.01 2.02 8.57
CA SER A 17 5.73 1.57 9.75
C SER A 17 7.20 1.36 9.44
N ILE A 18 7.47 0.72 8.31
CA ILE A 18 8.84 0.46 7.88
C ILE A 18 9.54 1.77 7.52
N ARG A 19 9.25 2.82 8.28
CA ARG A 19 9.85 4.13 8.04
C ARG A 19 9.36 4.69 6.70
N ARG A 20 8.75 3.83 5.89
CA ARG A 20 8.24 4.26 4.58
C ARG A 20 7.34 5.48 4.76
N ARG A 21 7.32 6.35 3.75
CA ARG A 21 6.51 7.56 3.83
C ARG A 21 5.81 7.82 2.49
N GLY A 22 4.99 6.87 2.06
CA GLY A 22 4.25 7.02 0.81
C GLY A 22 3.92 5.66 0.21
N GLY A 23 3.04 5.65 -0.79
CA GLY A 23 2.65 4.40 -1.44
C GLY A 23 1.43 4.61 -2.32
N TYR A 24 1.01 3.55 -3.01
CA TYR A 24 -0.15 3.62 -3.89
C TYR A 24 -0.45 2.27 -4.53
N CYS A 25 -1.51 1.64 -4.06
CA CYS A 25 -1.91 0.34 -4.59
C CYS A 25 -1.60 0.25 -6.08
N ASP A 26 -1.30 -0.96 -6.55
CA ASP A 26 -0.99 -1.16 -7.96
C ASP A 26 -1.93 -2.19 -8.58
N GLY A 27 -3.21 -1.83 -8.65
CA GLY A 27 -4.21 -2.73 -9.23
C GLY A 27 -5.61 -2.35 -8.74
N PHE A 28 -6.57 -3.22 -8.98
CA PHE A 28 -7.95 -2.97 -8.55
C PHE A 28 -8.38 -3.98 -7.50
N LEU A 29 -7.85 -5.19 -7.60
CA LEU A 29 -8.19 -6.24 -6.66
C LEU A 29 -7.10 -6.40 -5.59
N LYS A 30 -6.62 -7.62 -5.42
CA LYS A 30 -5.58 -7.88 -4.44
C LYS A 30 -4.30 -8.35 -5.14
N GLN A 31 -3.84 -7.55 -6.10
CA GLN A 31 -2.64 -7.89 -6.84
C GLN A 31 -1.41 -7.75 -5.95
N ARG A 32 -0.99 -6.52 -5.69
CA ARG A 32 0.17 -6.28 -4.85
C ARG A 32 0.48 -4.79 -4.76
N CYS A 33 0.32 -4.22 -3.58
CA CYS A 33 0.60 -2.81 -3.37
C CYS A 33 2.08 -2.62 -3.04
N VAL A 34 2.67 -1.55 -3.55
CA VAL A 34 4.07 -1.28 -3.29
C VAL A 34 4.27 0.14 -2.81
N CYS A 35 4.62 0.30 -1.54
CA CYS A 35 4.82 1.62 -0.98
C CYS A 35 5.92 2.36 -1.73
N TYR A 36 5.84 3.69 -1.73
CA TYR A 36 6.83 4.51 -2.42
C TYR A 36 8.20 3.83 -2.39
N ARG A 37 8.86 3.88 -1.25
CA ARG A 37 10.18 3.27 -1.11
C ARG A 37 10.05 1.78 -0.80
N LYS A 38 11.12 1.03 -1.06
CA LYS A 38 11.13 -0.39 -0.80
C LYS A 38 10.68 -0.69 0.62
N GLY A 1 -8.26 -3.01 -4.27
CA GLY A 1 -7.52 -4.23 -4.54
C GLY A 1 -6.89 -4.78 -3.25
N PHE A 2 -5.75 -5.45 -3.40
CA PHE A 2 -5.06 -6.03 -2.25
C PHE A 2 -5.07 -5.05 -1.08
N GLY A 3 -5.05 -3.76 -1.40
CA GLY A 3 -5.06 -2.74 -0.36
C GLY A 3 -5.94 -1.56 -0.76
N CYS A 4 -5.48 -0.37 -0.43
CA CYS A 4 -6.23 0.85 -0.75
C CYS A 4 -6.94 0.68 -2.08
N PRO A 5 -7.94 1.48 -2.33
CA PRO A 5 -8.38 2.54 -1.37
C PRO A 5 -9.22 1.96 -0.24
N PHE A 6 -9.69 0.73 -0.42
CA PHE A 6 -10.50 0.08 0.60
C PHE A 6 -9.82 0.15 1.96
N ASN A 7 -8.72 -0.58 2.11
CA ASN A 7 -7.97 -0.58 3.36
C ASN A 7 -6.59 0.03 3.16
N GLN A 8 -6.55 1.34 3.01
CA GLN A 8 -5.29 2.04 2.81
C GLN A 8 -4.36 1.85 4.00
N GLY A 9 -4.95 1.82 5.19
CA GLY A 9 -4.16 1.64 6.41
C GLY A 9 -3.35 0.35 6.36
N LYS A 10 -3.99 -0.73 5.92
CA LYS A 10 -3.30 -2.01 5.84
C LYS A 10 -2.07 -1.90 4.97
N CYS A 11 -2.11 -0.99 4.01
CA CYS A 11 -0.98 -0.77 3.11
C CYS A 11 -0.25 0.52 3.46
N HIS A 12 -0.90 1.39 4.22
CA HIS A 12 -0.28 2.64 4.62
C HIS A 12 0.40 2.49 5.97
N ARG A 13 -0.13 1.61 6.80
CA ARG A 13 0.44 1.37 8.12
C ARG A 13 1.56 0.33 8.03
N HIS A 14 1.42 -0.60 7.10
CA HIS A 14 2.41 -1.64 6.92
C HIS A 14 3.77 -1.06 6.56
N CYS A 15 3.83 -0.26 5.49
CA CYS A 15 5.09 0.33 5.08
C CYS A 15 5.45 1.51 5.98
N ARG A 16 4.46 2.32 6.32
CA ARG A 16 4.71 3.47 7.18
C ARG A 16 5.45 3.02 8.44
N SER A 17 5.28 1.76 8.80
CA SER A 17 5.93 1.21 9.97
C SER A 17 7.42 1.06 9.71
N ILE A 18 7.77 0.73 8.47
CA ILE A 18 9.17 0.56 8.10
C ILE A 18 9.78 1.89 7.64
N ARG A 19 9.54 2.95 8.41
CA ARG A 19 10.09 4.26 8.08
C ARG A 19 9.40 4.85 6.85
N ARG A 20 9.14 4.00 5.88
CA ARG A 20 8.50 4.43 4.64
C ARG A 20 7.34 5.40 4.93
N ARG A 21 6.84 6.04 3.88
CA ARG A 21 5.74 6.99 4.03
C ARG A 21 4.73 6.85 2.89
N GLY A 22 4.94 7.61 1.82
CA GLY A 22 4.05 7.57 0.66
C GLY A 22 3.92 6.15 0.13
N GLY A 23 3.04 5.97 -0.85
CA GLY A 23 2.85 4.66 -1.44
C GLY A 23 1.64 4.64 -2.38
N TYR A 24 1.45 3.50 -3.04
CA TYR A 24 0.33 3.34 -3.96
C TYR A 24 -0.32 1.97 -3.76
N CYS A 25 -1.33 1.68 -4.57
CA CYS A 25 -2.02 0.40 -4.47
C CYS A 25 -2.79 0.10 -5.74
N ASP A 26 -2.70 -1.15 -6.20
CA ASP A 26 -3.40 -1.55 -7.41
C ASP A 26 -4.88 -1.84 -7.11
N GLY A 27 -5.63 -0.79 -6.81
CA GLY A 27 -7.04 -0.95 -6.50
C GLY A 27 -7.77 -1.69 -7.63
N PHE A 28 -8.93 -2.23 -7.32
CA PHE A 28 -9.72 -2.95 -8.31
C PHE A 28 -9.06 -4.29 -8.62
N LEU A 29 -7.76 -4.39 -8.35
CA LEU A 29 -7.03 -5.62 -8.61
C LEU A 29 -6.37 -6.14 -7.33
N LYS A 30 -6.82 -7.29 -6.87
CA LYS A 30 -6.26 -7.88 -5.65
C LYS A 30 -4.85 -8.41 -5.91
N GLN A 31 -3.94 -7.48 -6.23
CA GLN A 31 -2.55 -7.86 -6.49
C GLN A 31 -1.69 -7.66 -5.25
N ARG A 32 -1.18 -6.45 -5.08
CA ARG A 32 -0.33 -6.14 -3.94
C ARG A 32 0.14 -4.69 -3.97
N CYS A 33 0.20 -4.06 -2.80
CA CYS A 33 0.65 -2.68 -2.71
C CYS A 33 2.12 -2.63 -2.35
N VAL A 34 2.84 -1.66 -2.92
CA VAL A 34 4.26 -1.53 -2.64
C VAL A 34 4.64 -0.05 -2.50
N CYS A 35 4.65 0.42 -1.26
CA CYS A 35 4.99 1.81 -0.99
C CYS A 35 6.03 2.32 -1.97
N TYR A 36 6.09 3.62 -2.13
CA TYR A 36 7.06 4.24 -3.04
C TYR A 36 8.45 3.67 -2.80
N ARG A 37 9.07 4.08 -1.71
CA ARG A 37 10.41 3.61 -1.36
C ARG A 37 10.46 2.09 -1.44
N LYS A 38 11.34 1.56 -2.29
CA LYS A 38 11.47 0.13 -2.45
C LYS A 38 12.10 -0.50 -1.20
N GLY A 1 -7.19 -3.65 -5.89
CA GLY A 1 -7.61 -4.35 -4.69
C GLY A 1 -6.46 -4.54 -3.73
N PHE A 2 -6.60 -5.50 -2.81
CA PHE A 2 -5.55 -5.77 -1.84
C PHE A 2 -5.40 -4.59 -0.88
N GLY A 3 -5.57 -3.39 -1.41
CA GLY A 3 -5.44 -2.18 -0.60
C GLY A 3 -6.21 -1.02 -1.22
N CYS A 4 -5.60 0.15 -1.19
CA CYS A 4 -6.21 1.34 -1.74
C CYS A 4 -7.13 0.98 -2.92
N PRO A 5 -8.11 1.81 -3.18
CA PRO A 5 -8.37 3.05 -2.42
C PRO A 5 -9.23 2.78 -1.18
N PHE A 6 -9.54 1.50 -0.97
CA PHE A 6 -10.35 1.09 0.18
C PHE A 6 -9.52 1.08 1.46
N ASN A 7 -8.80 -0.01 1.69
CA ASN A 7 -7.99 -0.14 2.89
C ASN A 7 -6.56 0.33 2.62
N GLN A 8 -6.41 1.60 2.31
CA GLN A 8 -5.09 2.16 2.03
C GLN A 8 -4.15 1.93 3.20
N GLY A 9 -4.70 1.88 4.41
CA GLY A 9 -3.89 1.65 5.60
C GLY A 9 -3.16 0.33 5.53
N LYS A 10 -3.85 -0.71 5.08
CA LYS A 10 -3.24 -2.03 4.96
C LYS A 10 -2.00 -1.95 4.08
N CYS A 11 -1.96 -0.93 3.24
CA CYS A 11 -0.83 -0.74 2.34
C CYS A 11 -0.01 0.48 2.75
N HIS A 12 -0.65 1.42 3.44
CA HIS A 12 0.05 2.62 3.89
C HIS A 12 0.63 2.40 5.28
N ARG A 13 0.07 1.43 6.00
CA ARG A 13 0.55 1.11 7.34
C ARG A 13 1.60 0.02 7.27
N HIS A 14 1.46 -0.86 6.28
CA HIS A 14 2.41 -1.96 6.11
C HIS A 14 3.81 -1.41 5.81
N CYS A 15 3.90 -0.57 4.79
CA CYS A 15 5.19 0.01 4.43
C CYS A 15 5.64 0.99 5.50
N ARG A 16 4.70 1.78 6.01
CA ARG A 16 5.03 2.74 7.05
C ARG A 16 5.94 2.10 8.09
N SER A 17 5.67 0.84 8.39
CA SER A 17 6.48 0.11 9.37
C SER A 17 7.93 0.05 8.90
N ILE A 18 8.12 -0.28 7.62
CA ILE A 18 9.46 -0.38 7.06
C ILE A 18 10.10 1.01 6.98
N ARG A 19 9.50 1.97 7.69
CA ARG A 19 10.01 3.33 7.70
C ARG A 19 9.64 4.06 6.40
N ARG A 20 8.57 3.61 5.76
CA ARG A 20 8.12 4.23 4.52
C ARG A 20 7.04 5.27 4.80
N ARG A 21 6.62 6.01 3.77
CA ARG A 21 5.60 7.03 3.95
C ARG A 21 4.52 6.91 2.88
N GLY A 22 4.71 7.64 1.78
CA GLY A 22 3.74 7.64 0.69
C GLY A 22 3.57 6.24 0.11
N GLY A 23 2.50 6.05 -0.66
CA GLY A 23 2.23 4.76 -1.28
C GLY A 23 0.84 4.74 -1.92
N TYR A 24 0.54 3.64 -2.61
CA TYR A 24 -0.76 3.51 -3.28
C TYR A 24 -0.96 2.07 -3.75
N CYS A 25 -2.22 1.64 -3.83
CA CYS A 25 -2.51 0.29 -4.27
C CYS A 25 -2.29 0.16 -5.78
N ASP A 26 -1.91 -1.03 -6.23
CA ASP A 26 -1.66 -1.25 -7.65
C ASP A 26 -2.42 -2.47 -8.15
N GLY A 27 -3.62 -2.25 -8.66
CA GLY A 27 -4.44 -3.34 -9.17
C GLY A 27 -5.87 -3.20 -8.69
N PHE A 28 -6.81 -3.79 -9.42
CA PHE A 28 -8.21 -3.74 -9.05
C PHE A 28 -8.61 -5.00 -8.30
N LEU A 29 -7.84 -6.06 -8.49
CA LEU A 29 -8.11 -7.32 -7.81
C LEU A 29 -7.02 -7.62 -6.78
N LYS A 30 -7.45 -8.03 -5.59
CA LYS A 30 -6.50 -8.33 -4.51
C LYS A 30 -5.15 -8.74 -5.09
N GLN A 31 -4.33 -7.74 -5.42
CA GLN A 31 -3.01 -8.01 -5.98
C GLN A 31 -1.92 -7.77 -4.94
N ARG A 32 -1.47 -6.52 -4.85
CA ARG A 32 -0.43 -6.17 -3.89
C ARG A 32 -0.27 -4.66 -3.84
N CYS A 33 0.70 -4.19 -3.07
CA CYS A 33 0.94 -2.76 -2.94
C CYS A 33 2.43 -2.45 -3.06
N VAL A 34 2.73 -1.24 -3.54
CA VAL A 34 4.11 -0.83 -3.70
C VAL A 34 4.28 0.62 -3.27
N CYS A 35 4.56 0.82 -1.98
CA CYS A 35 4.73 2.16 -1.45
C CYS A 35 5.64 2.98 -2.37
N TYR A 36 5.44 4.30 -2.35
CA TYR A 36 6.23 5.19 -3.19
C TYR A 36 7.65 4.66 -3.33
N ARG A 37 8.37 4.58 -2.21
CA ARG A 37 9.74 4.10 -2.22
C ARG A 37 9.80 2.68 -2.77
N LYS A 38 10.03 1.71 -1.89
CA LYS A 38 10.13 0.32 -2.31
C LYS A 38 8.75 -0.22 -2.69
N GLY A 1 -5.56 -2.95 -5.99
CA GLY A 1 -6.04 -4.27 -5.61
C GLY A 1 -5.77 -4.55 -4.14
N PHE A 2 -6.20 -5.72 -3.67
CA PHE A 2 -6.01 -6.09 -2.28
C PHE A 2 -6.74 -5.12 -1.36
N GLY A 3 -6.26 -3.89 -1.32
CA GLY A 3 -6.88 -2.88 -0.50
C GLY A 3 -7.06 -1.59 -1.27
N CYS A 4 -6.97 -0.47 -0.57
CA CYS A 4 -7.12 0.85 -1.19
C CYS A 4 -8.41 0.91 -2.02
N PRO A 5 -9.02 2.06 -2.10
CA PRO A 5 -8.55 3.30 -1.42
C PRO A 5 -8.97 3.31 0.05
N PHE A 6 -10.10 2.68 0.34
CA PHE A 6 -10.62 2.61 1.70
C PHE A 6 -9.61 1.92 2.61
N ASN A 7 -9.16 0.75 2.20
CA ASN A 7 -8.20 -0.02 2.99
C ASN A 7 -6.77 0.35 2.62
N GLN A 8 -6.56 1.63 2.35
CA GLN A 8 -5.23 2.12 2.00
C GLN A 8 -4.28 1.97 3.18
N GLY A 9 -4.79 2.24 4.37
CA GLY A 9 -3.98 2.13 5.58
C GLY A 9 -3.36 0.74 5.68
N LYS A 10 -4.08 -0.27 5.20
CA LYS A 10 -3.58 -1.64 5.26
C LYS A 10 -2.29 -1.76 4.46
N CYS A 11 -2.21 -1.02 3.36
CA CYS A 11 -1.03 -1.05 2.53
C CYS A 11 -0.26 0.26 2.67
N HIS A 12 -0.86 1.23 3.37
CA HIS A 12 -0.18 2.50 3.57
C HIS A 12 0.40 2.59 4.98
N ARG A 13 -0.22 1.88 5.92
CA ARG A 13 0.28 1.89 7.29
C ARG A 13 1.34 0.81 7.46
N HIS A 14 1.18 -0.30 6.73
CA HIS A 14 2.13 -1.39 6.81
C HIS A 14 3.52 -0.92 6.41
N CYS A 15 3.65 -0.35 5.22
CA CYS A 15 4.93 0.14 4.75
C CYS A 15 5.43 1.27 5.64
N ARG A 16 4.55 2.25 5.89
CA ARG A 16 4.92 3.38 6.74
C ARG A 16 5.84 2.93 7.86
N SER A 17 5.50 1.81 8.50
CA SER A 17 6.31 1.29 9.57
C SER A 17 7.74 1.03 9.09
N ILE A 18 7.86 0.44 7.91
CA ILE A 18 9.17 0.15 7.34
C ILE A 18 9.88 1.44 6.96
N ARG A 19 9.73 2.47 7.78
CA ARG A 19 10.37 3.75 7.53
C ARG A 19 9.90 4.33 6.19
N ARG A 20 8.75 3.89 5.72
CA ARG A 20 8.20 4.37 4.45
C ARG A 20 7.26 5.55 4.69
N ARG A 21 6.92 6.26 3.63
CA ARG A 21 6.03 7.41 3.75
C ARG A 21 5.33 7.71 2.43
N GLY A 22 4.44 6.81 2.02
CA GLY A 22 3.70 6.98 0.77
C GLY A 22 3.52 5.65 0.06
N GLY A 23 2.44 5.55 -0.73
CA GLY A 23 2.18 4.32 -1.47
C GLY A 23 0.82 4.39 -2.17
N TYR A 24 0.51 3.34 -2.93
CA TYR A 24 -0.76 3.29 -3.64
C TYR A 24 -0.98 1.91 -4.24
N CYS A 25 -2.22 1.45 -4.22
CA CYS A 25 -2.56 0.14 -4.77
C CYS A 25 -2.12 0.05 -6.22
N ASP A 26 -1.58 -1.10 -6.60
CA ASP A 26 -1.13 -1.31 -7.97
C ASP A 26 -1.78 -2.55 -8.57
N GLY A 27 -2.93 -2.36 -9.20
CA GLY A 27 -3.65 -3.47 -9.81
C GLY A 27 -5.14 -3.42 -9.47
N PHE A 28 -5.88 -4.42 -9.91
CA PHE A 28 -7.30 -4.48 -9.65
C PHE A 28 -7.68 -5.81 -8.98
N LEU A 29 -6.99 -6.88 -9.37
CA LEU A 29 -7.27 -8.19 -8.80
C LEU A 29 -6.23 -8.55 -7.76
N LYS A 30 -6.37 -7.99 -6.56
CA LYS A 30 -5.45 -8.27 -5.48
C LYS A 30 -4.07 -8.65 -6.01
N GLN A 31 -3.35 -7.66 -6.52
CA GLN A 31 -2.01 -7.90 -7.05
C GLN A 31 -0.97 -7.75 -5.95
N ARG A 32 -0.71 -6.52 -5.54
CA ARG A 32 0.27 -6.24 -4.50
C ARG A 32 0.55 -4.74 -4.43
N CYS A 33 0.28 -4.14 -3.27
CA CYS A 33 0.53 -2.72 -3.09
C CYS A 33 2.02 -2.46 -2.98
N VAL A 34 2.50 -1.48 -3.73
CA VAL A 34 3.91 -1.15 -3.72
C VAL A 34 4.13 0.28 -3.24
N CYS A 35 4.53 0.43 -1.98
CA CYS A 35 4.76 1.75 -1.42
C CYS A 35 5.87 2.48 -2.17
N TYR A 36 5.65 3.77 -2.40
CA TYR A 36 6.61 4.60 -3.12
C TYR A 36 8.01 3.98 -3.09
N ARG A 37 8.70 4.13 -1.97
CA ARG A 37 10.05 3.58 -1.84
C ARG A 37 10.03 2.07 -2.02
N LYS A 38 10.51 1.36 -1.00
CA LYS A 38 10.55 -0.10 -1.06
C LYS A 38 9.17 -0.69 -0.81
N GLY A 1 -7.78 -3.58 -6.28
CA GLY A 1 -6.88 -4.72 -6.12
C GLY A 1 -6.86 -5.20 -4.68
N PHE A 2 -5.70 -5.67 -4.23
CA PHE A 2 -5.57 -6.16 -2.86
C PHE A 2 -6.49 -5.39 -1.93
N GLY A 3 -6.27 -4.08 -1.85
CA GLY A 3 -7.09 -3.22 -1.00
C GLY A 3 -7.41 -1.92 -1.71
N CYS A 4 -7.35 -0.82 -0.97
CA CYS A 4 -7.63 0.49 -1.55
C CYS A 4 -8.94 0.46 -2.33
N PRO A 5 -9.49 1.61 -2.63
CA PRO A 5 -8.90 2.92 -2.25
C PRO A 5 -9.18 3.26 -0.80
N PHE A 6 -10.08 2.51 -0.18
CA PHE A 6 -10.43 2.73 1.22
C PHE A 6 -9.46 1.99 2.14
N ASN A 7 -9.29 0.71 1.88
CA ASN A 7 -8.39 -0.10 2.70
C ASN A 7 -6.94 0.24 2.41
N GLN A 8 -6.67 1.53 2.23
CA GLN A 8 -5.31 1.98 1.94
C GLN A 8 -4.47 1.96 3.21
N GLY A 9 -5.14 2.05 4.36
CA GLY A 9 -4.44 2.04 5.64
C GLY A 9 -3.59 0.78 5.76
N LYS A 10 -4.24 -0.38 5.75
CA LYS A 10 -3.53 -1.65 5.85
C LYS A 10 -2.32 -1.63 4.91
N CYS A 11 -2.42 -0.83 3.86
CA CYS A 11 -1.34 -0.71 2.90
C CYS A 11 -0.41 0.43 3.30
N HIS A 12 -1.00 1.47 3.89
CA HIS A 12 -0.23 2.62 4.34
C HIS A 12 0.52 2.28 5.63
N ARG A 13 -0.23 1.80 6.62
CA ARG A 13 0.36 1.44 7.91
C ARG A 13 1.43 0.37 7.72
N HIS A 14 1.11 -0.64 6.92
CA HIS A 14 2.05 -1.73 6.67
C HIS A 14 3.43 -1.19 6.29
N CYS A 15 3.50 -0.48 5.17
CA CYS A 15 4.78 0.06 4.75
C CYS A 15 5.20 1.24 5.61
N ARG A 16 4.25 2.09 5.97
CA ARG A 16 4.56 3.23 6.81
C ARG A 16 5.25 2.75 8.08
N SER A 17 5.11 1.46 8.36
CA SER A 17 5.74 0.87 9.54
C SER A 17 7.22 0.65 9.29
N ILE A 18 7.56 0.31 8.05
CA ILE A 18 8.95 0.07 7.68
C ILE A 18 9.65 1.39 7.34
N ARG A 19 9.47 2.38 8.19
CA ARG A 19 10.10 3.69 7.98
C ARG A 19 9.49 4.36 6.76
N ARG A 20 9.15 3.57 5.76
CA ARG A 20 8.55 4.10 4.54
C ARG A 20 7.43 5.10 4.87
N ARG A 21 7.01 5.86 3.87
CA ARG A 21 5.94 6.84 4.08
C ARG A 21 4.97 6.85 2.90
N GLY A 22 5.24 7.72 1.93
CA GLY A 22 4.38 7.81 0.75
C GLY A 22 4.19 6.46 0.10
N GLY A 23 3.05 6.27 -0.56
CA GLY A 23 2.77 5.01 -1.22
C GLY A 23 1.40 5.00 -1.90
N TYR A 24 1.14 3.93 -2.64
CA TYR A 24 -0.13 3.77 -3.34
C TYR A 24 -0.34 2.31 -3.70
N CYS A 25 -1.42 2.03 -4.42
CA CYS A 25 -1.73 0.65 -4.80
C CYS A 25 -1.41 0.40 -6.27
N ASP A 26 -1.19 -0.87 -6.61
CA ASP A 26 -0.89 -1.26 -7.98
C ASP A 26 -1.67 -2.50 -8.37
N GLY A 27 -1.89 -2.67 -9.68
CA GLY A 27 -2.63 -3.83 -10.17
C GLY A 27 -4.12 -3.69 -9.88
N PHE A 28 -4.93 -4.35 -10.70
CA PHE A 28 -6.38 -4.30 -10.53
C PHE A 28 -6.87 -5.49 -9.71
N LEU A 29 -6.12 -6.60 -9.77
CA LEU A 29 -6.49 -7.79 -9.04
C LEU A 29 -5.82 -7.81 -7.67
N LYS A 30 -6.07 -8.86 -6.90
CA LYS A 30 -5.48 -8.99 -5.57
C LYS A 30 -3.96 -9.07 -5.67
N GLN A 31 -3.31 -7.92 -5.84
CA GLN A 31 -1.87 -7.88 -5.95
C GLN A 31 -1.25 -7.40 -4.63
N ARG A 32 -1.07 -6.09 -4.51
CA ARG A 32 -0.49 -5.51 -3.30
C ARG A 32 0.16 -4.16 -3.61
N CYS A 33 0.09 -3.25 -2.66
CA CYS A 33 0.68 -1.93 -2.83
C CYS A 33 2.19 -2.01 -2.76
N VAL A 34 2.86 -1.06 -3.42
CA VAL A 34 4.31 -1.02 -3.42
C VAL A 34 4.80 0.36 -2.98
N CYS A 35 4.53 0.67 -1.72
CA CYS A 35 4.93 1.96 -1.15
C CYS A 35 6.06 2.59 -1.97
N TYR A 36 5.99 3.90 -2.14
CA TYR A 36 7.00 4.61 -2.90
C TYR A 36 8.37 3.98 -2.71
N ARG A 37 9.14 4.52 -1.76
CA ARG A 37 10.48 4.00 -1.50
C ARG A 37 10.50 2.47 -1.66
N LYS A 38 10.94 2.02 -2.82
CA LYS A 38 11.00 0.59 -3.10
C LYS A 38 12.04 -0.09 -2.18
N GLY A 1 -5.59 -2.99 -5.97
CA GLY A 1 -5.88 -4.33 -5.47
C GLY A 1 -5.11 -4.60 -4.19
N PHE A 2 -5.67 -5.47 -3.36
CA PHE A 2 -5.02 -5.82 -2.09
C PHE A 2 -5.05 -4.62 -1.16
N GLY A 3 -5.16 -3.43 -1.73
CA GLY A 3 -5.19 -2.22 -0.93
C GLY A 3 -6.06 -1.15 -1.58
N CYS A 4 -5.52 0.06 -1.61
CA CYS A 4 -6.23 1.20 -2.19
C CYS A 4 -7.13 0.75 -3.34
N PRO A 5 -8.21 1.47 -3.57
CA PRO A 5 -8.60 2.66 -2.78
C PRO A 5 -9.42 2.27 -1.57
N PHE A 6 -9.67 0.96 -1.44
CA PHE A 6 -10.47 0.42 -0.34
C PHE A 6 -9.68 0.46 0.96
N ASN A 7 -8.71 -0.43 1.10
CA ASN A 7 -7.90 -0.50 2.32
C ASN A 7 -6.50 0.03 2.07
N GLN A 8 -6.37 1.34 1.90
CA GLN A 8 -5.08 1.96 1.67
C GLN A 8 -4.22 1.88 2.93
N GLY A 9 -4.88 1.81 4.08
CA GLY A 9 -4.17 1.74 5.35
C GLY A 9 -3.43 0.42 5.47
N LYS A 10 -4.11 -0.68 5.17
CA LYS A 10 -3.49 -1.99 5.25
C LYS A 10 -2.18 -2.00 4.46
N CYS A 11 -2.08 -1.09 3.51
CA CYS A 11 -0.87 -0.98 2.69
C CYS A 11 -0.08 0.26 3.06
N HIS A 12 -0.76 1.28 3.56
CA HIS A 12 -0.07 2.52 3.95
C HIS A 12 0.38 2.45 5.40
N ARG A 13 -0.25 1.58 6.18
CA ARG A 13 0.10 1.42 7.58
C ARG A 13 1.14 0.31 7.74
N HIS A 14 1.09 -0.67 6.84
CA HIS A 14 2.04 -1.78 6.87
C HIS A 14 3.45 -1.29 6.60
N CYS A 15 3.62 -0.58 5.49
CA CYS A 15 4.93 -0.05 5.13
C CYS A 15 5.33 1.06 6.09
N ARG A 16 4.38 1.93 6.39
CA ARG A 16 4.64 3.04 7.30
C ARG A 16 5.49 2.57 8.47
N SER A 17 5.19 1.38 8.99
CA SER A 17 5.94 0.83 10.11
C SER A 17 7.39 0.62 9.72
N ILE A 18 7.62 0.13 8.50
CA ILE A 18 8.97 -0.10 8.02
C ILE A 18 9.67 1.23 7.73
N ARG A 19 9.24 2.28 8.41
CA ARG A 19 9.82 3.60 8.24
C ARG A 19 9.49 4.18 6.87
N ARG A 20 8.46 3.66 6.23
CA ARG A 20 8.05 4.15 4.92
C ARG A 20 7.10 5.34 5.06
N ARG A 21 6.95 6.11 3.99
CA ARG A 21 6.07 7.27 4.01
C ARG A 21 5.52 7.56 2.62
N GLY A 22 4.70 6.65 2.11
CA GLY A 22 4.11 6.83 0.78
C GLY A 22 3.79 5.49 0.14
N GLY A 23 2.77 5.47 -0.70
CA GLY A 23 2.37 4.23 -1.37
C GLY A 23 1.17 4.46 -2.28
N TYR A 24 0.80 3.41 -3.01
CA TYR A 24 -0.34 3.49 -3.91
C TYR A 24 -0.64 2.13 -4.51
N CYS A 25 -1.60 1.42 -3.91
CA CYS A 25 -1.97 0.09 -4.38
C CYS A 25 -1.99 0.06 -5.91
N ASP A 26 -1.49 -1.05 -6.48
CA ASP A 26 -1.45 -1.19 -7.92
C ASP A 26 -2.59 -2.08 -8.43
N GLY A 27 -2.99 -1.86 -9.67
CA GLY A 27 -4.08 -2.64 -10.26
C GLY A 27 -5.39 -2.38 -9.53
N PHE A 28 -6.31 -3.32 -9.64
CA PHE A 28 -7.60 -3.19 -8.97
C PHE A 28 -7.92 -4.43 -8.15
N LEU A 29 -7.47 -5.58 -8.64
CA LEU A 29 -7.71 -6.84 -7.94
C LEU A 29 -6.50 -7.24 -7.10
N LYS A 30 -6.75 -7.88 -5.97
CA LYS A 30 -5.67 -8.31 -5.08
C LYS A 30 -4.41 -8.61 -5.88
N GLN A 31 -3.64 -7.56 -6.16
CA GLN A 31 -2.40 -7.72 -6.92
C GLN A 31 -1.20 -7.78 -5.97
N ARG A 32 -0.70 -6.61 -5.58
CA ARG A 32 0.45 -6.55 -4.68
C ARG A 32 0.78 -5.10 -4.33
N CYS A 33 0.59 -4.74 -3.08
CA CYS A 33 0.86 -3.38 -2.62
C CYS A 33 2.36 -3.11 -2.66
N VAL A 34 2.72 -1.86 -2.95
CA VAL A 34 4.13 -1.47 -3.01
C VAL A 34 4.31 -0.02 -2.62
N CYS A 35 4.55 0.22 -1.33
CA CYS A 35 4.73 1.59 -0.85
C CYS A 35 5.64 2.37 -1.79
N TYR A 36 5.48 3.70 -1.79
CA TYR A 36 6.27 4.56 -2.65
C TYR A 36 7.71 4.06 -2.75
N ARG A 37 8.47 4.23 -1.66
CA ARG A 37 9.86 3.79 -1.63
C ARG A 37 9.97 2.31 -1.96
N LYS A 38 10.59 2.01 -3.10
CA LYS A 38 10.76 0.63 -3.53
C LYS A 38 11.19 -0.25 -2.36
N GLY A 1 -7.53 -2.89 -6.07
CA GLY A 1 -7.89 -4.21 -5.56
C GLY A 1 -7.11 -4.55 -4.29
N PHE A 2 -7.48 -5.66 -3.66
CA PHE A 2 -6.81 -6.08 -2.44
C PHE A 2 -6.92 -5.02 -1.35
N GLY A 3 -6.27 -3.90 -1.57
CA GLY A 3 -6.30 -2.81 -0.61
C GLY A 3 -6.72 -1.50 -1.26
N CYS A 4 -5.97 -0.44 -0.96
CA CYS A 4 -6.26 0.88 -1.51
C CYS A 4 -7.00 0.75 -2.84
N PRO A 5 -7.86 1.70 -3.14
CA PRO A 5 -8.16 2.86 -2.26
C PRO A 5 -9.09 2.49 -1.11
N PHE A 6 -9.33 1.18 -0.93
CA PHE A 6 -10.20 0.71 0.13
C PHE A 6 -9.53 0.84 1.48
N ASN A 7 -8.74 -0.17 1.85
CA ASN A 7 -8.05 -0.14 3.14
C ASN A 7 -6.60 0.31 2.97
N GLN A 8 -6.42 1.55 2.51
CA GLN A 8 -5.09 2.10 2.31
C GLN A 8 -4.29 2.04 3.61
N GLY A 9 -5.00 2.17 4.73
CA GLY A 9 -4.35 2.12 6.03
C GLY A 9 -3.57 0.83 6.22
N LYS A 10 -4.19 -0.28 5.86
CA LYS A 10 -3.53 -1.58 6.00
C LYS A 10 -2.27 -1.61 5.15
N CYS A 11 -2.26 -0.80 4.09
CA CYS A 11 -1.11 -0.72 3.20
C CYS A 11 -0.30 0.54 3.50
N HIS A 12 -0.93 1.48 4.22
CA HIS A 12 -0.25 2.73 4.56
C HIS A 12 0.36 2.65 5.95
N ARG A 13 -0.42 2.13 6.91
CA ARG A 13 0.06 2.01 8.28
C ARG A 13 1.26 1.07 8.36
N HIS A 14 1.21 -0.01 7.59
CA HIS A 14 2.30 -0.98 7.58
C HIS A 14 3.57 -0.31 7.06
N CYS A 15 3.53 0.14 5.80
CA CYS A 15 4.67 0.79 5.20
C CYS A 15 5.09 2.03 6.00
N ARG A 16 4.13 2.88 6.33
CA ARG A 16 4.43 4.07 7.11
C ARG A 16 5.22 3.71 8.37
N SER A 17 4.98 2.50 8.87
CA SER A 17 5.66 2.04 10.08
C SER A 17 7.10 1.61 9.75
N ILE A 18 7.31 1.15 8.53
CA ILE A 18 8.64 0.72 8.10
C ILE A 18 9.47 1.90 7.63
N ARG A 19 9.34 3.03 8.34
CA ARG A 19 10.10 4.23 7.97
C ARG A 19 9.46 4.92 6.76
N ARG A 20 9.13 4.13 5.74
CA ARG A 20 8.52 4.68 4.54
C ARG A 20 7.60 5.84 4.90
N ARG A 21 7.53 6.83 4.02
CA ARG A 21 6.68 7.99 4.24
C ARG A 21 5.30 7.77 3.62
N GLY A 22 5.27 7.53 2.32
CA GLY A 22 4.01 7.31 1.61
C GLY A 22 4.05 6.01 0.82
N GLY A 23 2.89 5.58 0.35
CA GLY A 23 2.79 4.35 -0.43
C GLY A 23 1.53 4.35 -1.29
N TYR A 24 1.32 3.26 -2.01
CA TYR A 24 0.15 3.15 -2.89
C TYR A 24 -0.13 1.70 -3.25
N CYS A 25 -1.24 1.48 -3.95
CA CYS A 25 -1.61 0.13 -4.36
C CYS A 25 -1.04 -0.18 -5.74
N ASP A 26 -1.23 -1.41 -6.21
CA ASP A 26 -0.73 -1.81 -7.52
C ASP A 26 -1.65 -2.85 -8.16
N GLY A 27 -2.62 -2.38 -8.94
CA GLY A 27 -3.55 -3.29 -9.61
C GLY A 27 -4.98 -3.00 -9.17
N PHE A 28 -5.92 -3.19 -10.09
CA PHE A 28 -7.33 -2.96 -9.77
C PHE A 28 -7.92 -4.17 -9.08
N LEU A 29 -7.42 -5.35 -9.43
CA LEU A 29 -7.91 -6.58 -8.83
C LEU A 29 -7.08 -6.95 -7.61
N LYS A 30 -7.61 -7.82 -6.76
CA LYS A 30 -6.91 -8.26 -5.56
C LYS A 30 -5.51 -8.74 -5.91
N GLN A 31 -4.58 -7.81 -6.07
CA GLN A 31 -3.20 -8.16 -6.40
C GLN A 31 -2.28 -7.98 -5.20
N ARG A 32 -1.82 -6.74 -4.97
CA ARG A 32 -0.93 -6.48 -3.84
C ARG A 32 -0.61 -5.00 -3.72
N CYS A 33 0.02 -4.63 -2.60
CA CYS A 33 0.39 -3.24 -2.35
C CYS A 33 1.88 -3.04 -2.59
N VAL A 34 2.29 -1.78 -2.77
CA VAL A 34 3.71 -1.47 -3.00
C VAL A 34 4.03 -0.05 -2.54
N CYS A 35 4.39 0.09 -1.26
CA CYS A 35 4.72 1.41 -0.72
C CYS A 35 6.00 1.93 -1.36
N TYR A 36 6.22 3.24 -1.26
CA TYR A 36 7.41 3.86 -1.85
C TYR A 36 8.70 3.15 -1.39
N ARG A 37 9.76 3.94 -1.26
CA ARG A 37 11.06 3.41 -0.83
C ARG A 37 11.09 1.89 -0.90
N LYS A 38 10.82 1.35 -2.09
CA LYS A 38 10.82 -0.09 -2.29
C LYS A 38 11.89 -0.75 -1.43
N GLY A 1 -5.75 -2.83 -6.62
CA GLY A 1 -6.17 -4.15 -6.17
C GLY A 1 -5.80 -4.36 -4.71
N PHE A 2 -5.90 -5.62 -4.26
CA PHE A 2 -5.57 -5.94 -2.88
C PHE A 2 -6.42 -5.12 -1.92
N GLY A 3 -6.13 -3.82 -1.87
CA GLY A 3 -6.86 -2.93 -0.99
C GLY A 3 -6.95 -1.53 -1.60
N CYS A 4 -6.86 -0.52 -0.74
CA CYS A 4 -6.92 0.87 -1.20
C CYS A 4 -8.17 1.09 -2.06
N PRO A 5 -8.73 2.27 -2.00
CA PRO A 5 -8.23 3.39 -1.16
C PRO A 5 -8.68 3.25 0.28
N PHE A 6 -9.71 2.46 0.49
CA PHE A 6 -10.24 2.24 1.85
C PHE A 6 -9.23 1.46 2.68
N ASN A 7 -9.00 0.22 2.30
CA ASN A 7 -8.06 -0.63 3.03
C ASN A 7 -6.62 -0.19 2.77
N GLN A 8 -6.41 1.10 2.65
CA GLN A 8 -5.07 1.63 2.40
C GLN A 8 -4.26 1.64 3.69
N GLY A 9 -4.96 1.78 4.81
CA GLY A 9 -4.30 1.80 6.11
C GLY A 9 -3.45 0.55 6.30
N LYS A 10 -4.02 -0.60 5.97
CA LYS A 10 -3.30 -1.85 6.11
C LYS A 10 -2.07 -1.85 5.21
N CYS A 11 -2.19 -1.20 4.05
CA CYS A 11 -1.06 -1.13 3.12
C CYS A 11 -0.27 0.16 3.36
N HIS A 12 -0.84 1.06 4.17
CA HIS A 12 -0.15 2.31 4.47
C HIS A 12 0.55 2.21 5.82
N ARG A 13 -0.20 1.83 6.86
CA ARG A 13 0.37 1.69 8.19
C ARG A 13 1.42 0.60 8.22
N HIS A 14 1.18 -0.46 7.45
CA HIS A 14 2.11 -1.58 7.38
C HIS A 14 3.51 -1.11 7.00
N CYS A 15 3.65 -0.57 5.80
CA CYS A 15 4.95 -0.10 5.37
C CYS A 15 5.42 1.06 6.24
N ARG A 16 4.50 1.94 6.61
CA ARG A 16 4.85 3.08 7.45
C ARG A 16 5.78 2.63 8.57
N SER A 17 5.44 1.50 9.18
CA SER A 17 6.25 0.95 10.26
C SER A 17 7.70 0.85 9.81
N ILE A 18 7.90 0.35 8.60
CA ILE A 18 9.24 0.20 8.06
C ILE A 18 9.86 1.57 7.78
N ARG A 19 9.25 2.61 8.33
CA ARG A 19 9.75 3.97 8.14
C ARG A 19 9.33 4.51 6.78
N ARG A 20 8.67 3.68 5.98
CA ARG A 20 8.21 4.10 4.66
C ARG A 20 7.21 5.23 4.77
N ARG A 21 7.04 5.99 3.68
CA ARG A 21 6.11 7.11 3.68
C ARG A 21 5.55 7.32 2.28
N GLY A 22 4.78 6.35 1.79
CA GLY A 22 4.19 6.45 0.47
C GLY A 22 3.63 5.10 0.01
N GLY A 23 3.08 5.07 -1.19
CA GLY A 23 2.52 3.84 -1.73
C GLY A 23 1.49 4.14 -2.83
N TYR A 24 1.00 3.08 -3.47
CA TYR A 24 0.01 3.24 -4.52
C TYR A 24 -0.35 1.89 -5.13
N CYS A 25 -1.52 1.37 -4.76
CA CYS A 25 -1.97 0.08 -5.28
C CYS A 25 -1.76 0.03 -6.79
N ASP A 26 -1.22 -1.09 -7.27
CA ASP A 26 -0.96 -1.24 -8.69
C ASP A 26 -1.81 -2.37 -9.27
N GLY A 27 -2.47 -2.09 -10.39
CA GLY A 27 -3.31 -3.08 -11.05
C GLY A 27 -4.79 -2.81 -10.77
N PHE A 28 -5.59 -3.86 -10.78
CA PHE A 28 -7.02 -3.72 -10.52
C PHE A 28 -7.47 -4.73 -9.47
N LEU A 29 -7.01 -5.98 -9.60
CA LEU A 29 -7.38 -7.02 -8.64
C LEU A 29 -6.19 -7.38 -7.76
N LYS A 30 -6.40 -8.35 -6.88
CA LYS A 30 -5.34 -8.80 -5.98
C LYS A 30 -4.02 -8.94 -6.73
N GLN A 31 -3.34 -7.83 -6.93
CA GLN A 31 -2.06 -7.85 -7.64
C GLN A 31 -0.90 -7.78 -6.64
N ARG A 32 -0.67 -6.60 -6.07
CA ARG A 32 0.41 -6.46 -5.10
C ARG A 32 0.54 -5.02 -4.61
N CYS A 33 0.12 -4.77 -3.36
CA CYS A 33 0.21 -3.44 -2.78
C CYS A 33 1.56 -3.26 -2.11
N VAL A 34 2.28 -2.22 -2.51
CA VAL A 34 3.60 -1.97 -1.94
C VAL A 34 3.88 -0.48 -1.86
N CYS A 35 4.25 -0.03 -0.66
CA CYS A 35 4.55 1.38 -0.45
C CYS A 35 5.42 1.94 -1.56
N TYR A 36 5.51 3.26 -1.63
CA TYR A 36 6.31 3.91 -2.67
C TYR A 36 7.78 3.47 -2.56
N ARG A 37 8.47 3.95 -1.53
CA ARG A 37 9.87 3.60 -1.35
C ARG A 37 10.01 2.14 -0.94
N LYS A 38 10.76 1.38 -1.74
CA LYS A 38 10.96 -0.04 -1.44
C LYS A 38 12.00 -0.22 -0.35
N GLY A 1 -8.38 -3.28 -5.94
CA GLY A 1 -7.42 -4.38 -6.01
C GLY A 1 -7.06 -4.88 -4.63
N PHE A 2 -5.82 -5.31 -4.46
CA PHE A 2 -5.35 -5.81 -3.17
C PHE A 2 -6.04 -5.07 -2.03
N GLY A 3 -5.82 -3.76 -1.98
CA GLY A 3 -6.41 -2.94 -0.93
C GLY A 3 -6.70 -1.54 -1.46
N CYS A 4 -6.60 -0.55 -0.58
CA CYS A 4 -6.84 0.84 -0.96
C CYS A 4 -8.17 0.97 -1.71
N PRO A 5 -8.82 2.11 -1.62
CA PRO A 5 -8.34 3.29 -0.86
C PRO A 5 -8.66 3.20 0.64
N PHE A 6 -9.87 2.79 0.96
CA PHE A 6 -10.27 2.68 2.36
C PHE A 6 -9.29 1.83 3.15
N ASN A 7 -8.84 0.73 2.55
CA ASN A 7 -7.90 -0.16 3.21
C ASN A 7 -6.45 0.14 2.81
N GLN A 8 -6.12 1.43 2.74
CA GLN A 8 -4.77 1.83 2.36
C GLN A 8 -3.87 1.83 3.58
N GLY A 9 -4.45 2.13 4.74
CA GLY A 9 -3.68 2.15 5.98
C GLY A 9 -2.94 0.83 6.19
N LYS A 10 -3.69 -0.26 6.16
CA LYS A 10 -3.07 -1.56 6.35
C LYS A 10 -1.81 -1.66 5.49
N CYS A 11 -1.86 -1.05 4.30
CA CYS A 11 -0.71 -1.05 3.41
C CYS A 11 0.23 0.09 3.78
N HIS A 12 -0.34 1.22 4.22
CA HIS A 12 0.48 2.35 4.61
C HIS A 12 1.09 2.13 5.98
N ARG A 13 0.25 1.85 6.97
CA ARG A 13 0.73 1.61 8.32
C ARG A 13 1.74 0.46 8.32
N HIS A 14 1.59 -0.44 7.35
CA HIS A 14 2.49 -1.58 7.24
C HIS A 14 3.87 -1.12 6.79
N CYS A 15 3.95 -0.45 5.65
CA CYS A 15 5.23 0.04 5.15
C CYS A 15 5.68 1.24 5.98
N ARG A 16 4.74 2.13 6.28
CA ARG A 16 5.06 3.32 7.08
C ARG A 16 5.87 2.92 8.31
N SER A 17 5.49 1.81 8.93
CA SER A 17 6.18 1.32 10.11
C SER A 17 7.67 1.18 9.81
N ILE A 18 7.98 0.73 8.59
CA ILE A 18 9.36 0.56 8.17
C ILE A 18 9.98 1.91 7.87
N ARG A 19 9.29 2.98 8.26
CA ARG A 19 9.75 4.35 8.04
C ARG A 19 9.22 4.89 6.72
N ARG A 20 8.85 3.99 5.83
CA ARG A 20 8.33 4.39 4.52
C ARG A 20 7.31 5.52 4.68
N ARG A 21 7.03 6.22 3.58
CA ARG A 21 6.08 7.32 3.61
C ARG A 21 5.50 7.58 2.22
N GLY A 22 4.70 6.65 1.73
CA GLY A 22 4.09 6.79 0.41
C GLY A 22 3.77 5.43 -0.20
N GLY A 23 2.87 5.41 -1.18
CA GLY A 23 2.50 4.15 -1.82
C GLY A 23 1.50 4.37 -2.95
N TYR A 24 1.01 3.28 -3.53
CA TYR A 24 0.05 3.36 -4.63
C TYR A 24 -0.34 1.95 -5.09
N CYS A 25 -1.57 1.53 -4.77
CA CYS A 25 -2.02 0.19 -5.17
C CYS A 25 -1.76 -0.02 -6.67
N ASP A 26 -1.30 -1.23 -7.02
CA ASP A 26 -1.00 -1.54 -8.41
C ASP A 26 -1.91 -2.65 -8.91
N GLY A 27 -2.32 -2.55 -10.17
CA GLY A 27 -3.20 -3.56 -10.77
C GLY A 27 -4.65 -3.33 -10.36
N PHE A 28 -5.56 -4.03 -11.03
CA PHE A 28 -6.98 -3.90 -10.73
C PHE A 28 -7.43 -5.00 -9.78
N LEU A 29 -6.99 -6.23 -10.05
CA LEU A 29 -7.36 -7.37 -9.22
C LEU A 29 -6.43 -7.48 -8.01
N LYS A 30 -6.88 -8.18 -6.97
CA LYS A 30 -6.09 -8.35 -5.77
C LYS A 30 -4.66 -8.75 -6.13
N GLN A 31 -3.84 -7.76 -6.45
CA GLN A 31 -2.45 -8.03 -6.82
C GLN A 31 -1.53 -7.88 -5.60
N ARG A 32 -1.24 -6.65 -5.22
CA ARG A 32 -0.38 -6.41 -4.07
C ARG A 32 -0.03 -4.92 -3.95
N CYS A 33 -0.21 -4.37 -2.74
CA CYS A 33 0.08 -2.95 -2.51
C CYS A 33 1.54 -2.77 -2.11
N VAL A 34 2.20 -1.84 -2.79
CA VAL A 34 3.60 -1.56 -2.51
C VAL A 34 3.83 -0.08 -2.25
N CYS A 35 4.44 0.23 -1.11
CA CYS A 35 4.70 1.61 -0.75
C CYS A 35 5.62 2.28 -1.77
N TYR A 36 5.61 3.61 -1.78
CA TYR A 36 6.45 4.36 -2.71
C TYR A 36 7.90 3.90 -2.66
N ARG A 37 8.62 4.33 -1.63
CA ARG A 37 10.02 3.95 -1.48
C ARG A 37 10.16 2.45 -1.24
N LYS A 38 10.14 1.68 -2.32
CA LYS A 38 10.26 0.22 -2.21
C LYS A 38 11.65 -0.16 -1.73
N GLY A 1 -5.19 -1.87 -4.98
CA GLY A 1 -5.29 -3.32 -4.96
C GLY A 1 -5.79 -3.82 -3.61
N PHE A 2 -5.33 -5.00 -3.22
CA PHE A 2 -5.75 -5.58 -1.95
C PHE A 2 -6.02 -4.50 -0.93
N GLY A 3 -5.30 -3.39 -1.08
CA GLY A 3 -5.47 -2.29 -0.16
C GLY A 3 -6.00 -1.06 -0.87
N CYS A 4 -5.42 0.09 -0.57
CA CYS A 4 -5.83 1.35 -1.18
C CYS A 4 -6.50 1.09 -2.54
N PRO A 5 -7.54 1.82 -2.86
CA PRO A 5 -8.10 2.90 -1.98
C PRO A 5 -8.96 2.30 -0.87
N PHE A 6 -8.88 0.99 -0.72
CA PHE A 6 -9.64 0.29 0.30
C PHE A 6 -8.87 0.21 1.62
N ASN A 7 -7.94 -0.75 1.71
CA ASN A 7 -7.15 -0.93 2.92
C ASN A 7 -5.76 -0.32 2.75
N GLN A 8 -5.69 1.02 2.88
CA GLN A 8 -4.42 1.71 2.74
C GLN A 8 -3.47 1.33 3.88
N GLY A 9 -4.04 0.90 4.99
CA GLY A 9 -3.25 0.50 6.14
C GLY A 9 -2.43 -0.75 5.84
N LYS A 10 -3.06 -1.72 5.18
CA LYS A 10 -2.36 -2.95 4.84
C LYS A 10 -1.07 -2.64 4.09
N CYS A 11 -1.07 -1.52 3.38
CA CYS A 11 0.11 -1.12 2.63
C CYS A 11 0.74 0.13 3.24
N HIS A 12 -0.02 0.80 4.10
CA HIS A 12 0.48 2.01 4.74
C HIS A 12 0.88 1.73 6.19
N ARG A 13 0.52 0.55 6.69
CA ARG A 13 0.86 0.19 8.07
C ARG A 13 2.12 -0.66 8.11
N HIS A 14 2.21 -1.63 7.21
CA HIS A 14 3.37 -2.51 7.17
C HIS A 14 4.62 -1.76 6.73
N CYS A 15 4.51 -0.93 5.71
CA CYS A 15 5.68 -0.20 5.24
C CYS A 15 5.98 0.98 6.15
N ARG A 16 4.95 1.70 6.55
CA ARG A 16 5.16 2.84 7.45
C ARG A 16 6.20 2.48 8.50
N SER A 17 6.20 1.21 8.91
CA SER A 17 7.16 0.74 9.89
C SER A 17 8.57 0.84 9.32
N ILE A 18 8.73 0.40 8.08
CA ILE A 18 10.02 0.46 7.42
C ILE A 18 10.42 1.91 7.17
N ARG A 19 9.95 2.80 8.02
CA ARG A 19 10.25 4.23 7.87
C ARG A 19 9.86 4.72 6.49
N ARG A 20 8.97 3.99 5.83
CA ARG A 20 8.51 4.36 4.50
C ARG A 20 7.47 5.47 4.58
N ARG A 21 7.31 6.22 3.50
CA ARG A 21 6.36 7.31 3.48
C ARG A 21 5.01 6.89 2.89
N GLY A 22 4.90 6.97 1.57
CA GLY A 22 3.64 6.59 0.91
C GLY A 22 3.88 5.61 -0.23
N GLY A 23 2.97 5.62 -1.19
CA GLY A 23 3.07 4.73 -2.34
C GLY A 23 1.79 4.74 -3.15
N TYR A 24 1.69 3.78 -4.06
CA TYR A 24 0.51 3.66 -4.91
C TYR A 24 -0.17 2.31 -4.69
N CYS A 25 -1.32 2.10 -5.31
CA CYS A 25 -2.04 0.84 -5.15
C CYS A 25 -2.85 0.51 -6.40
N ASP A 26 -2.74 -0.74 -6.85
CA ASP A 26 -3.45 -1.18 -8.04
C ASP A 26 -4.85 -1.69 -7.67
N GLY A 27 -5.78 -0.77 -7.49
CA GLY A 27 -7.14 -1.15 -7.14
C GLY A 27 -7.81 -1.85 -8.31
N PHE A 28 -9.05 -2.29 -8.11
CA PHE A 28 -9.79 -2.97 -9.17
C PHE A 28 -9.22 -4.37 -9.41
N LEU A 29 -7.96 -4.57 -9.05
CA LEU A 29 -7.31 -5.86 -9.24
C LEU A 29 -6.97 -6.50 -7.89
N LYS A 30 -7.44 -5.87 -6.82
CA LYS A 30 -7.17 -6.38 -5.48
C LYS A 30 -5.85 -7.14 -5.46
N GLN A 31 -4.84 -6.59 -6.14
CA GLN A 31 -3.53 -7.23 -6.19
C GLN A 31 -2.77 -6.98 -4.89
N ARG A 32 -2.17 -5.79 -4.78
CA ARG A 32 -1.41 -5.44 -3.59
C ARG A 32 -0.61 -4.16 -3.84
N CYS A 33 -0.65 -3.25 -2.87
CA CYS A 33 0.09 -1.99 -3.01
C CYS A 33 1.54 -2.17 -2.56
N VAL A 34 2.37 -1.18 -2.87
CA VAL A 34 3.77 -1.24 -2.50
C VAL A 34 4.32 0.15 -2.23
N CYS A 35 4.43 0.51 -0.96
CA CYS A 35 4.93 1.82 -0.57
C CYS A 35 5.94 2.34 -1.60
N TYR A 36 5.77 3.59 -2.01
CA TYR A 36 6.67 4.20 -2.97
C TYR A 36 8.05 3.56 -2.90
N ARG A 37 8.69 3.67 -1.74
CA ARG A 37 10.01 3.08 -1.56
C ARG A 37 9.90 1.63 -1.12
N LYS A 38 10.34 0.72 -1.98
CA LYS A 38 10.29 -0.70 -1.68
C LYS A 38 11.07 -1.00 -0.40
N GLY A 1 -5.79 -3.19 -5.96
CA GLY A 1 -6.34 -4.06 -4.93
C GLY A 1 -5.30 -4.40 -3.87
N PHE A 2 -5.69 -5.23 -2.91
CA PHE A 2 -4.77 -5.61 -1.84
C PHE A 2 -4.46 -4.43 -0.94
N GLY A 3 -4.56 -3.23 -1.51
CA GLY A 3 -4.28 -2.01 -0.76
C GLY A 3 -5.18 -0.88 -1.22
N CYS A 4 -4.61 0.30 -1.37
CA CYS A 4 -5.39 1.44 -1.81
C CYS A 4 -6.27 1.03 -3.00
N PRO A 5 -7.37 1.72 -3.20
CA PRO A 5 -7.81 2.85 -2.35
C PRO A 5 -8.69 2.34 -1.21
N PHE A 6 -9.10 1.08 -1.34
CA PHE A 6 -9.95 0.45 -0.34
C PHE A 6 -9.23 0.36 1.01
N ASN A 7 -8.27 -0.55 1.09
CA ASN A 7 -7.51 -0.74 2.34
C ASN A 7 -6.08 -0.24 2.18
N GLN A 8 -5.92 1.08 2.09
CA GLN A 8 -4.59 1.66 1.95
C GLN A 8 -3.77 1.47 3.23
N GLY A 9 -4.38 1.79 4.36
CA GLY A 9 -3.70 1.63 5.64
C GLY A 9 -3.01 0.29 5.75
N LYS A 10 -3.68 -0.76 5.30
CA LYS A 10 -3.10 -2.10 5.34
C LYS A 10 -1.78 -2.11 4.60
N CYS A 11 -1.62 -1.17 3.68
CA CYS A 11 -0.39 -1.07 2.91
C CYS A 11 0.39 0.18 3.30
N HIS A 12 -0.31 1.15 3.86
CA HIS A 12 0.34 2.39 4.28
C HIS A 12 0.85 2.25 5.71
N ARG A 13 0.23 1.34 6.46
CA ARG A 13 0.64 1.11 7.84
C ARG A 13 1.74 0.05 7.88
N HIS A 14 1.62 -0.95 7.01
CA HIS A 14 2.61 -2.01 6.95
C HIS A 14 3.99 -1.45 6.65
N CYS A 15 4.10 -0.69 5.57
CA CYS A 15 5.37 -0.10 5.19
C CYS A 15 5.78 0.98 6.20
N ARG A 16 4.82 1.80 6.61
CA ARG A 16 5.09 2.84 7.57
C ARG A 16 6.01 2.31 8.67
N SER A 17 5.68 1.11 9.17
CA SER A 17 6.50 0.50 10.21
C SER A 17 7.94 0.40 9.74
N ILE A 18 8.10 0.16 8.45
CA ILE A 18 9.44 0.06 7.86
C ILE A 18 10.03 1.45 7.69
N ARG A 19 9.44 2.43 8.38
CA ARG A 19 9.91 3.81 8.29
C ARG A 19 9.56 4.43 6.94
N ARG A 20 8.53 3.87 6.30
CA ARG A 20 8.10 4.37 5.00
C ARG A 20 7.04 5.46 5.18
N ARG A 21 6.90 6.30 4.16
CA ARG A 21 5.91 7.38 4.23
C ARG A 21 4.82 7.21 3.17
N GLY A 22 5.10 7.70 1.96
CA GLY A 22 4.13 7.60 0.87
C GLY A 22 4.04 6.18 0.33
N GLY A 23 2.95 5.89 -0.37
CA GLY A 23 2.75 4.57 -0.95
C GLY A 23 1.64 4.60 -1.99
N TYR A 24 1.43 3.47 -2.66
CA TYR A 24 0.39 3.40 -3.69
C TYR A 24 -0.08 1.98 -3.91
N CYS A 25 -1.34 1.87 -4.32
CA CYS A 25 -1.97 0.58 -4.60
C CYS A 25 -1.52 0.06 -5.97
N ASP A 26 -1.73 -1.24 -6.20
CA ASP A 26 -1.35 -1.83 -7.48
C ASP A 26 -2.34 -2.92 -7.87
N GLY A 27 -3.16 -2.63 -8.89
CA GLY A 27 -4.16 -3.57 -9.35
C GLY A 27 -5.57 -3.02 -9.11
N PHE A 28 -6.51 -3.93 -8.85
CA PHE A 28 -7.89 -3.52 -8.60
C PHE A 28 -8.62 -4.56 -7.75
N LEU A 29 -8.32 -5.83 -7.99
CA LEU A 29 -8.96 -6.90 -7.24
C LEU A 29 -7.93 -7.67 -6.41
N LYS A 30 -7.83 -7.31 -5.14
CA LYS A 30 -6.89 -7.97 -4.24
C LYS A 30 -5.67 -8.49 -5.00
N GLN A 31 -4.96 -7.59 -5.66
CA GLN A 31 -3.77 -7.97 -6.42
C GLN A 31 -2.52 -7.82 -5.57
N ARG A 32 -2.08 -6.57 -5.36
CA ARG A 32 -0.90 -6.31 -4.55
C ARG A 32 -0.58 -4.83 -4.53
N CYS A 33 0.10 -4.40 -3.46
CA CYS A 33 0.47 -3.00 -3.31
C CYS A 33 1.93 -2.87 -2.88
N VAL A 34 2.48 -1.66 -2.98
CA VAL A 34 3.87 -1.43 -2.60
C VAL A 34 4.11 0.05 -2.30
N CYS A 35 4.53 0.34 -1.08
CA CYS A 35 4.79 1.73 -0.68
C CYS A 35 5.67 2.43 -1.71
N TYR A 36 5.86 3.73 -1.51
CA TYR A 36 6.69 4.51 -2.44
C TYR A 36 8.16 4.11 -2.30
N ARG A 37 8.80 4.58 -1.25
CA ARG A 37 10.22 4.26 -1.02
C ARG A 37 10.40 2.76 -0.84
N LYS A 38 11.35 2.19 -1.57
CA LYS A 38 11.62 0.76 -1.49
C LYS A 38 12.21 0.41 -0.12
N GLY A 1 -5.33 -3.94 -6.10
CA GLY A 1 -4.88 -5.20 -5.52
C GLY A 1 -5.34 -5.31 -4.06
N PHE A 2 -4.47 -5.87 -3.22
CA PHE A 2 -4.79 -6.03 -1.80
C PHE A 2 -5.90 -5.07 -1.38
N GLY A 3 -5.62 -3.78 -1.49
CA GLY A 3 -6.61 -2.77 -1.12
C GLY A 3 -6.55 -1.57 -2.05
N CYS A 4 -6.70 -0.38 -1.46
CA CYS A 4 -6.67 0.85 -2.23
C CYS A 4 -7.66 0.81 -3.39
N PRO A 5 -8.21 1.94 -3.76
CA PRO A 5 -7.97 3.24 -3.09
C PRO A 5 -8.79 3.35 -1.80
N PHE A 6 -9.67 2.38 -1.60
CA PHE A 6 -10.52 2.36 -0.42
C PHE A 6 -9.76 1.91 0.82
N ASN A 7 -9.22 0.69 0.77
CA ASN A 7 -8.48 0.16 1.91
C ASN A 7 -6.99 0.43 1.77
N GLN A 8 -6.62 1.68 1.55
CA GLN A 8 -5.22 2.04 1.42
C GLN A 8 -4.52 1.93 2.77
N GLY A 9 -5.26 2.22 3.84
CA GLY A 9 -4.70 2.16 5.19
C GLY A 9 -4.00 0.83 5.44
N LYS A 10 -4.63 -0.27 5.00
CA LYS A 10 -4.04 -1.58 5.20
C LYS A 10 -2.70 -1.65 4.47
N CYS A 11 -2.59 -0.88 3.40
CA CYS A 11 -1.36 -0.85 2.62
C CYS A 11 -0.54 0.37 2.99
N HIS A 12 -1.19 1.35 3.62
CA HIS A 12 -0.50 2.57 4.02
C HIS A 12 0.06 2.44 5.44
N ARG A 13 -0.76 1.91 6.35
CA ARG A 13 -0.34 1.73 7.73
C ARG A 13 0.86 0.79 7.82
N HIS A 14 0.77 -0.34 7.13
CA HIS A 14 1.86 -1.31 7.14
C HIS A 14 3.14 -0.69 6.59
N CYS A 15 3.06 -0.22 5.36
CA CYS A 15 4.22 0.41 4.72
C CYS A 15 4.78 1.52 5.60
N ARG A 16 3.93 2.45 5.99
CA ARG A 16 4.35 3.57 6.82
C ARG A 16 5.00 3.06 8.11
N SER A 17 4.78 1.79 8.41
CA SER A 17 5.34 1.20 9.63
C SER A 17 6.72 0.60 9.34
N ILE A 18 7.08 0.55 8.07
CA ILE A 18 8.38 0.01 7.67
C ILE A 18 9.32 1.13 7.25
N ARG A 19 9.41 2.17 8.07
CA ARG A 19 10.30 3.29 7.78
C ARG A 19 9.88 4.00 6.48
N ARG A 20 9.22 3.27 5.59
CA ARG A 20 8.79 3.85 4.32
C ARG A 20 8.08 5.18 4.56
N ARG A 21 7.43 5.67 3.51
CA ARG A 21 6.72 6.94 3.61
C ARG A 21 5.41 6.88 2.82
N GLY A 22 5.54 6.90 1.50
CA GLY A 22 4.38 6.85 0.62
C GLY A 22 4.38 5.53 -0.16
N GLY A 23 3.25 5.23 -0.79
CA GLY A 23 3.13 4.01 -1.56
C GLY A 23 1.93 4.07 -2.51
N TYR A 24 1.69 2.97 -3.22
CA TYR A 24 0.58 2.94 -4.15
C TYR A 24 0.12 1.50 -4.40
N CYS A 25 -1.05 1.37 -5.00
CA CYS A 25 -1.62 0.06 -5.30
C CYS A 25 -1.39 -0.28 -6.76
N ASP A 26 -1.35 -1.58 -7.08
CA ASP A 26 -1.15 -2.00 -8.46
C ASP A 26 -2.01 -3.21 -8.79
N GLY A 27 -3.26 -2.94 -9.16
CA GLY A 27 -4.19 -4.01 -9.51
C GLY A 27 -5.58 -3.73 -8.93
N PHE A 28 -6.35 -4.78 -8.73
CA PHE A 28 -7.69 -4.64 -8.18
C PHE A 28 -8.12 -5.91 -7.45
N LEU A 29 -7.70 -7.05 -7.98
CA LEU A 29 -8.05 -8.33 -7.36
C LEU A 29 -6.91 -8.84 -6.49
N LYS A 30 -6.83 -8.33 -5.28
CA LYS A 30 -5.78 -8.74 -4.35
C LYS A 30 -4.52 -9.16 -5.10
N GLN A 31 -3.81 -8.17 -5.65
CA GLN A 31 -2.59 -8.46 -6.39
C GLN A 31 -1.37 -8.28 -5.49
N ARG A 32 -0.93 -7.03 -5.32
CA ARG A 32 0.22 -6.76 -4.47
C ARG A 32 0.43 -5.26 -4.31
N CYS A 33 0.63 -4.82 -3.07
CA CYS A 33 0.85 -3.40 -2.79
C CYS A 33 2.34 -3.11 -2.74
N VAL A 34 2.77 -2.08 -3.47
CA VAL A 34 4.18 -1.71 -3.49
C VAL A 34 4.35 -0.30 -2.94
N CYS A 35 4.90 -0.22 -1.74
CA CYS A 35 5.11 1.08 -1.11
C CYS A 35 6.56 1.52 -1.19
N TYR A 36 6.79 2.80 -0.90
CA TYR A 36 8.15 3.34 -0.93
C TYR A 36 8.33 4.37 0.17
N ARG A 37 9.46 5.05 0.16
CA ARG A 37 9.75 6.07 1.16
C ARG A 37 9.81 7.45 0.52
N LYS A 38 8.68 7.89 -0.03
CA LYS A 38 8.62 9.20 -0.67
C LYS A 38 9.61 10.16 -0.03
N GLY A 1 -2.70 -3.28 -5.83
CA GLY A 1 -3.54 -4.40 -5.42
C GLY A 1 -3.59 -4.51 -3.90
N PHE A 2 -3.64 -5.74 -3.40
CA PHE A 2 -3.71 -5.95 -1.96
C PHE A 2 -4.95 -5.28 -1.40
N GLY A 3 -4.93 -3.95 -1.40
CA GLY A 3 -6.05 -3.16 -0.92
C GLY A 3 -6.21 -1.94 -1.81
N CYS A 4 -6.57 -0.81 -1.21
CA CYS A 4 -6.72 0.42 -1.98
C CYS A 4 -7.75 0.25 -3.09
N PRO A 5 -8.50 1.29 -3.40
CA PRO A 5 -8.40 2.61 -2.72
C PRO A 5 -9.20 2.64 -1.41
N PHE A 6 -9.96 1.58 -1.19
CA PHE A 6 -10.78 1.47 0.02
C PHE A 6 -9.92 1.25 1.26
N ASN A 7 -9.38 0.04 1.39
CA ASN A 7 -8.54 -0.28 2.55
C ASN A 7 -7.10 0.15 2.32
N GLN A 8 -6.92 1.33 1.73
CA GLN A 8 -5.58 1.85 1.48
C GLN A 8 -4.74 1.77 2.75
N GLY A 9 -5.39 1.94 3.89
CA GLY A 9 -4.70 1.87 5.17
C GLY A 9 -3.97 0.54 5.30
N LYS A 10 -4.54 -0.50 4.69
CA LYS A 10 -3.93 -1.82 4.73
C LYS A 10 -2.61 -1.80 3.98
N CYS A 11 -2.49 -0.85 3.06
CA CYS A 11 -1.27 -0.69 2.28
C CYS A 11 -0.51 0.53 2.76
N HIS A 12 -1.24 1.44 3.42
CA HIS A 12 -0.62 2.65 3.95
C HIS A 12 0.02 2.38 5.30
N ARG A 13 -0.64 1.56 6.11
CA ARG A 13 -0.13 1.21 7.43
C ARG A 13 0.91 0.10 7.32
N HIS A 14 0.73 -0.77 6.32
CA HIS A 14 1.67 -1.88 6.11
C HIS A 14 3.08 -1.34 5.93
N CYS A 15 3.24 -0.38 5.03
CA CYS A 15 4.55 0.20 4.77
C CYS A 15 4.95 1.12 5.92
N ARG A 16 4.00 1.89 6.42
CA ARG A 16 4.27 2.80 7.54
C ARG A 16 4.96 2.05 8.67
N SER A 17 4.60 0.78 8.83
CA SER A 17 5.18 -0.05 9.87
C SER A 17 6.68 -0.22 9.63
N ILE A 18 7.06 -0.27 8.36
CA ILE A 18 8.47 -0.43 8.00
C ILE A 18 9.20 0.91 8.07
N ARG A 19 8.50 1.93 8.57
CA ARG A 19 9.06 3.28 8.69
C ARG A 19 8.80 4.10 7.44
N ARG A 20 8.07 3.53 6.49
CA ARG A 20 7.76 4.25 5.26
C ARG A 20 6.75 5.35 5.52
N ARG A 21 6.53 6.20 4.52
CA ARG A 21 5.58 7.30 4.66
C ARG A 21 4.43 7.13 3.67
N GLY A 22 4.64 7.60 2.45
CA GLY A 22 3.60 7.51 1.42
C GLY A 22 3.74 6.21 0.63
N GLY A 23 2.79 5.99 -0.26
CA GLY A 23 2.81 4.78 -1.09
C GLY A 23 1.55 4.69 -1.93
N TYR A 24 1.42 3.62 -2.71
CA TYR A 24 0.25 3.45 -3.56
C TYR A 24 -0.05 1.97 -3.77
N CYS A 25 -1.08 1.70 -4.57
CA CYS A 25 -1.48 0.32 -4.84
C CYS A 25 -1.48 0.05 -6.34
N ASP A 26 -1.03 -1.15 -6.73
CA ASP A 26 -0.98 -1.51 -8.14
C ASP A 26 -1.94 -2.65 -8.46
N GLY A 27 -3.00 -2.35 -9.19
CA GLY A 27 -3.97 -3.36 -9.56
C GLY A 27 -5.39 -2.87 -9.31
N PHE A 28 -6.34 -3.79 -9.37
CA PHE A 28 -7.74 -3.46 -9.15
C PHE A 28 -8.29 -4.19 -7.93
N LEU A 29 -7.85 -5.44 -7.77
CA LEU A 29 -8.31 -6.26 -6.64
C LEU A 29 -7.25 -6.27 -5.54
N LYS A 30 -6.94 -7.45 -5.04
CA LYS A 30 -5.95 -7.58 -3.97
C LYS A 30 -4.68 -8.24 -4.50
N GLN A 31 -3.99 -7.55 -5.41
CA GLN A 31 -2.76 -8.10 -5.99
C GLN A 31 -1.56 -7.81 -5.09
N ARG A 32 -1.10 -6.56 -5.04
CA ARG A 32 0.04 -6.23 -4.21
C ARG A 32 0.32 -4.72 -4.22
N CYS A 33 0.82 -4.21 -3.10
CA CYS A 33 1.13 -2.79 -2.98
C CYS A 33 2.65 -2.58 -3.01
N VAL A 34 3.07 -1.40 -3.43
CA VAL A 34 4.50 -1.09 -3.49
C VAL A 34 4.73 0.39 -3.17
N CYS A 35 4.78 0.71 -1.89
CA CYS A 35 4.99 2.08 -1.45
C CYS A 35 6.21 2.69 -2.12
N TYR A 36 6.25 4.02 -2.17
CA TYR A 36 7.36 4.73 -2.77
C TYR A 36 8.67 4.01 -2.53
N ARG A 37 9.19 4.11 -1.30
CA ARG A 37 10.44 3.46 -0.95
C ARG A 37 10.44 2.01 -1.41
N LYS A 38 11.27 1.72 -2.41
CA LYS A 38 11.36 0.36 -2.95
C LYS A 38 11.40 -0.66 -1.81
#